data_5AFN
#
_entry.id   5AFN
#
_cell.length_a   85.520
_cell.length_b   112.504
_cell.length_c   143.109
_cell.angle_alpha   90.00
_cell.angle_beta   90.00
_cell.angle_gamma   90.00
#
_symmetry.space_group_name_H-M   'P 21 21 21'
#
loop_
_entity.id
_entity.type
_entity.pdbx_description
1 polymer 'ACETYLCHOLINE-BINDING PROTEIN, NEURONAL ACETYLCHOLINE RECEPTOR SUBUNIT ALPHA-7'
2 non-polymer 2-acetamido-2-deoxy-beta-D-glucopyranose
3 non-polymer beta-D-mannopyranose
4 non-polymer alpha-D-mannopyranose
5 non-polymer Alpha-Lobeline
6 non-polymer (4R)-4-(2-phenylethyl)pyrrolidin-2-one
7 non-polymer GLYCEROL
8 water water
#
_entity_poly.entity_id   1
_entity_poly.type   'polypeptide(L)'
_entity_poly.pdbx_seq_one_letter_code
;GEFQRKLYKELVKNYNPDVIPTQRDRPVTVYFSLSLLQIMDVDEKNQVVDVVFWLQMSWTDHYLQWNVSEYPGVKQVSVP
ISSLWVPDLAAYNAISKPEVLTPQLALVNSSGHVQYLPSIRQRFSCDVSGVDTESGATCKLKFGSWTHHSRELDLQMQEA
DISGYIPYSRFELVGVTQKRSERFYECCKEPYPDVTFTVTFRKKGRS
;
_entity_poly.pdbx_strand_id   A,B,C,D,E
#
loop_
_chem_comp.id
_chem_comp.type
_chem_comp.name
_chem_comp.formula
BMA D-saccharide, beta linking beta-D-mannopyranose 'C6 H12 O6'
GOL non-polymer GLYCEROL 'C3 H8 O3'
L0B non-polymer Alpha-Lobeline 'C22 H27 N O2'
MAN D-saccharide, alpha linking alpha-D-mannopyranose 'C6 H12 O6'
NAG D-saccharide, beta linking 2-acetamido-2-deoxy-beta-D-glucopyranose 'C8 H15 N O6'
OJD non-polymer (4R)-4-(2-phenylethyl)pyrrolidin-2-one 'C12 H15 N O'
#
# COMPACT_ATOMS: atom_id res chain seq x y z
N GLY A 1 -25.95 18.58 6.32
CA GLY A 1 -26.21 19.21 7.61
C GLY A 1 -25.33 20.42 7.81
N GLU A 2 -25.94 21.61 7.87
CA GLU A 2 -25.18 22.83 8.02
C GLU A 2 -24.55 22.93 9.39
N PHE A 3 -25.32 22.57 10.42
CA PHE A 3 -24.80 22.59 11.77
C PHE A 3 -23.72 21.53 11.98
N GLN A 4 -23.88 20.40 11.31
CA GLN A 4 -22.85 19.37 11.36
C GLN A 4 -21.57 19.89 10.74
N ARG A 5 -21.71 20.60 9.63
CA ARG A 5 -20.56 21.14 8.92
C ARG A 5 -19.82 22.18 9.77
N LYS A 6 -20.57 22.98 10.51
CA LYS A 6 -19.98 23.95 11.43
C LYS A 6 -19.27 23.25 12.60
N LEU A 7 -19.87 22.15 13.07
CA LEU A 7 -19.32 21.40 14.19
C LEU A 7 -17.96 20.82 13.83
N TYR A 8 -17.80 20.39 12.58
CA TYR A 8 -16.52 19.87 12.10
C TYR A 8 -15.47 20.98 12.02
N LYS A 9 -15.82 22.10 11.40
CA LYS A 9 -14.93 23.26 11.36
C LYS A 9 -14.40 23.57 12.76
N GLU A 10 -15.32 23.70 13.72
CA GLU A 10 -14.96 24.09 15.08
C GLU A 10 -14.16 23.03 15.85
N LEU A 11 -14.59 21.78 15.77
CA LEU A 11 -13.92 20.71 16.51
C LEU A 11 -12.47 20.49 16.11
N VAL A 12 -12.17 20.68 14.82
CA VAL A 12 -10.83 20.48 14.30
C VAL A 12 -9.85 21.50 14.85
N LYS A 13 -10.33 22.75 15.03
CA LYS A 13 -9.51 23.94 15.30
C LYS A 13 -8.24 23.72 16.15
N ASN A 14 -8.44 23.30 17.39
CA ASN A 14 -7.33 23.12 18.31
C ASN A 14 -7.17 21.66 18.70
N TYR A 15 -7.57 20.76 17.82
CA TYR A 15 -7.57 19.35 18.17
C TYR A 15 -6.29 18.68 17.69
N ASN A 16 -5.64 17.96 18.60
CA ASN A 16 -4.43 17.24 18.27
C ASN A 16 -4.63 15.76 18.50
N PRO A 17 -4.77 15.01 17.41
CA PRO A 17 -5.02 13.56 17.49
C PRO A 17 -3.84 12.75 18.04
N ASP A 18 -2.70 13.41 18.27
CA ASP A 18 -1.53 12.72 18.83
C ASP A 18 -1.51 12.80 20.35
N VAL A 19 -2.40 13.60 20.92
CA VAL A 19 -2.42 13.84 22.36
C VAL A 19 -3.51 13.03 23.07
N ILE A 20 -3.08 12.10 23.92
CA ILE A 20 -4.03 11.32 24.69
C ILE A 20 -4.85 12.25 25.56
N PRO A 21 -6.19 12.13 25.50
CA PRO A 21 -7.09 13.09 26.16
C PRO A 21 -7.28 12.82 27.66
N THR A 22 -6.19 12.60 28.39
CA THR A 22 -6.27 12.54 29.84
C THR A 22 -6.62 13.92 30.35
N GLN A 23 -7.19 13.99 31.55
CA GLN A 23 -7.40 15.26 32.20
C GLN A 23 -7.40 15.11 33.71
N ARG A 24 -6.72 16.03 34.38
CA ARG A 24 -6.65 16.04 35.84
C ARG A 24 -6.16 14.71 36.39
N ASP A 25 -4.94 14.34 36.01
CA ASP A 25 -4.29 13.07 36.43
C ASP A 25 -5.08 11.77 36.17
N ARG A 26 -6.27 11.89 35.60
CA ARG A 26 -7.11 10.72 35.38
C ARG A 26 -6.76 10.01 34.08
N PRO A 27 -6.68 8.68 34.12
CA PRO A 27 -6.45 7.90 32.90
C PRO A 27 -7.68 7.91 32.00
N VAL A 28 -7.45 7.78 30.70
CA VAL A 28 -8.55 7.56 29.78
C VAL A 28 -8.94 6.09 29.91
N THR A 29 -10.19 5.85 30.28
CA THR A 29 -10.73 4.49 30.31
C THR A 29 -11.09 4.05 28.89
N VAL A 30 -10.58 2.89 28.48
CA VAL A 30 -10.87 2.35 27.17
C VAL A 30 -11.57 1.01 27.36
N TYR A 31 -12.82 0.93 26.90
CA TYR A 31 -13.57 -0.32 26.99
C TYR A 31 -13.26 -1.13 25.76
N PHE A 32 -13.00 -2.42 25.95
CA PHE A 32 -12.49 -3.26 24.89
C PHE A 32 -13.25 -4.58 24.84
N SER A 33 -13.83 -4.88 23.68
CA SER A 33 -14.57 -6.11 23.50
C SER A 33 -14.02 -6.78 22.25
N LEU A 34 -13.95 -8.10 22.26
CA LEU A 34 -13.56 -8.82 21.05
C LEU A 34 -14.58 -9.92 20.81
N SER A 35 -15.16 -9.94 19.62
CA SER A 35 -16.11 -10.97 19.23
C SER A 35 -15.49 -11.81 18.12
N LEU A 36 -15.20 -13.08 18.41
CA LEU A 36 -14.58 -13.93 17.40
C LEU A 36 -15.63 -14.28 16.34
N LEU A 37 -15.29 -14.10 15.07
CA LEU A 37 -16.24 -14.37 13.99
C LEU A 37 -15.90 -15.65 13.25
N GLN A 38 -14.62 -15.87 13.00
CA GLN A 38 -14.23 -17.02 12.21
C GLN A 38 -12.76 -17.35 12.37
N ILE A 39 -12.48 -18.64 12.48
CA ILE A 39 -11.13 -19.13 12.43
C ILE A 39 -10.91 -19.54 10.99
N MET A 40 -10.10 -18.75 10.28
CA MET A 40 -9.91 -18.93 8.85
C MET A 40 -9.04 -20.15 8.56
N ASP A 41 -8.03 -20.37 9.38
CA ASP A 41 -7.08 -21.42 9.10
C ASP A 41 -6.13 -21.59 10.27
N VAL A 42 -5.54 -22.78 10.37
CA VAL A 42 -4.47 -23.01 11.30
C VAL A 42 -3.29 -23.54 10.51
N ASP A 43 -2.10 -23.12 10.91
CA ASP A 43 -0.88 -23.60 10.29
C ASP A 43 -0.20 -24.43 11.36
N GLU A 44 -0.27 -25.74 11.22
CA GLU A 44 0.27 -26.62 12.26
C GLU A 44 1.78 -26.75 12.18
N LYS A 45 2.36 -26.36 11.04
CA LYS A 45 3.80 -26.43 10.86
C LYS A 45 4.47 -25.21 11.47
N ASN A 46 3.92 -24.03 11.21
CA ASN A 46 4.50 -22.78 11.66
C ASN A 46 3.91 -22.22 12.94
N GLN A 47 2.91 -22.91 13.48
CA GLN A 47 2.25 -22.51 14.74
C GLN A 47 1.57 -21.12 14.66
N VAL A 48 0.56 -21.04 13.80
CA VAL A 48 -0.10 -19.78 13.53
C VAL A 48 -1.59 -20.05 13.43
N VAL A 49 -2.39 -19.14 13.99
CA VAL A 49 -3.81 -19.18 13.74
C VAL A 49 -4.21 -17.89 13.05
N ASP A 50 -5.14 -18.01 12.11
CA ASP A 50 -5.61 -16.92 11.27
C ASP A 50 -7.09 -16.69 11.63
N VAL A 51 -7.39 -15.54 12.20
CA VAL A 51 -8.72 -15.28 12.73
C VAL A 51 -9.35 -13.99 12.19
N VAL A 52 -10.67 -14.00 12.10
CA VAL A 52 -11.43 -12.78 11.84
C VAL A 52 -12.21 -12.48 13.11
N PHE A 53 -12.07 -11.26 13.62
CA PHE A 53 -12.77 -10.86 14.84
C PHE A 53 -13.29 -9.42 14.73
N TRP A 54 -14.31 -9.11 15.52
CA TRP A 54 -14.87 -7.77 15.62
C TRP A 54 -14.43 -7.12 16.94
N LEU A 55 -13.72 -6.01 16.84
CA LEU A 55 -13.29 -5.26 18.00
C LEU A 55 -14.31 -4.18 18.26
N GLN A 56 -14.70 -4.02 19.50
CA GLN A 56 -15.43 -2.84 19.92
C GLN A 56 -14.62 -2.08 20.94
N MET A 57 -14.35 -0.83 20.64
CA MET A 57 -13.55 -0.01 21.51
C MET A 57 -14.23 1.32 21.71
N SER A 58 -14.38 1.72 22.96
CA SER A 58 -14.96 3.01 23.23
C SER A 58 -14.19 3.68 24.35
N TRP A 59 -14.26 5.01 24.37
CA TRP A 59 -13.59 5.82 25.38
C TRP A 59 -14.13 7.21 25.22
N THR A 60 -13.92 8.04 26.25
CA THR A 60 -14.36 9.43 26.19
C THR A 60 -13.16 10.37 25.95
N ASP A 61 -13.27 11.16 24.89
CA ASP A 61 -12.29 12.19 24.58
C ASP A 61 -12.96 13.52 24.90
N HIS A 62 -12.53 14.16 25.98
CA HIS A 62 -13.24 15.33 26.47
C HIS A 62 -13.05 16.53 25.54
N TYR A 63 -12.08 16.45 24.63
CA TYR A 63 -11.86 17.53 23.68
C TYR A 63 -12.84 17.49 22.52
N LEU A 64 -13.64 16.43 22.46
CA LEU A 64 -14.54 16.23 21.33
C LEU A 64 -15.99 16.47 21.68
N GLN A 65 -16.22 17.12 22.82
CA GLN A 65 -17.60 17.35 23.23
C GLN A 65 -18.13 18.68 22.70
N TRP A 66 -19.45 18.80 22.64
CA TRP A 66 -20.06 20.05 22.21
C TRP A 66 -21.42 20.23 22.84
N ASN A 67 -21.94 21.45 22.76
CA ASN A 67 -23.25 21.76 23.29
C ASN A 67 -24.29 21.54 22.20
N VAL A 68 -25.21 20.60 22.45
CA VAL A 68 -26.25 20.28 21.47
C VAL A 68 -27.13 21.50 21.18
N SER A 69 -27.27 22.39 22.15
CA SER A 69 -28.06 23.60 21.94
C SER A 69 -27.37 24.53 20.95
N GLU A 70 -26.04 24.45 20.86
CA GLU A 70 -25.30 25.26 19.90
C GLU A 70 -25.31 24.64 18.50
N TYR A 71 -25.48 23.33 18.44
CA TYR A 71 -25.50 22.62 17.17
C TYR A 71 -26.75 21.74 17.10
N PRO A 72 -27.94 22.38 17.03
CA PRO A 72 -29.21 21.67 17.21
C PRO A 72 -29.39 20.51 16.24
N GLY A 73 -29.89 19.40 16.76
CA GLY A 73 -30.09 18.20 15.96
C GLY A 73 -28.88 17.28 15.90
N VAL A 74 -27.70 17.85 16.08
CA VAL A 74 -26.46 17.07 15.97
C VAL A 74 -26.14 16.35 17.29
N LYS A 75 -26.49 15.07 17.36
CA LYS A 75 -26.35 14.32 18.62
C LYS A 75 -25.18 13.33 18.56
N GLN A 76 -24.87 12.85 17.36
CA GLN A 76 -23.68 12.03 17.16
C GLN A 76 -23.22 12.15 15.71
N VAL A 77 -21.92 12.03 15.48
CA VAL A 77 -21.39 12.18 14.13
C VAL A 77 -20.47 11.03 13.80
N SER A 78 -20.27 10.82 12.51
CA SER A 78 -19.43 9.74 12.03
C SER A 78 -18.18 10.37 11.41
N VAL A 79 -17.02 9.96 11.91
CA VAL A 79 -15.79 10.70 11.68
C VAL A 79 -14.65 9.74 11.27
N PRO A 80 -13.80 10.16 10.32
CA PRO A 80 -12.68 9.25 10.02
C PRO A 80 -11.78 9.14 11.24
N ILE A 81 -11.33 7.92 11.53
N ILE A 81 -11.30 7.93 11.48
CA ILE A 81 -10.56 7.67 12.75
CA ILE A 81 -10.57 7.61 12.69
C ILE A 81 -9.21 8.36 12.70
C ILE A 81 -9.18 8.22 12.69
N SER A 82 -8.67 8.52 11.50
CA SER A 82 -7.39 9.18 11.32
C SER A 82 -7.39 10.60 11.89
N SER A 83 -8.57 11.17 12.10
CA SER A 83 -8.67 12.53 12.59
C SER A 83 -8.82 12.58 14.12
N LEU A 84 -8.85 11.40 14.75
CA LEU A 84 -9.07 11.33 16.20
C LEU A 84 -7.87 10.70 16.90
N TRP A 85 -7.64 11.07 18.14
CA TRP A 85 -6.79 10.24 18.98
C TRP A 85 -7.44 8.87 19.15
N VAL A 86 -6.65 7.82 18.97
CA VAL A 86 -7.12 6.45 19.17
C VAL A 86 -6.12 5.72 20.07
N PRO A 87 -6.61 4.78 20.90
CA PRO A 87 -5.71 4.03 21.77
C PRO A 87 -4.66 3.28 20.94
N ASP A 88 -3.40 3.31 21.37
CA ASP A 88 -2.37 2.58 20.66
C ASP A 88 -2.37 1.12 21.09
N LEU A 89 -3.49 0.43 20.88
CA LEU A 89 -3.58 -0.98 21.26
C LEU A 89 -2.74 -1.85 20.31
N ALA A 90 -1.90 -2.68 20.91
CA ALA A 90 -1.08 -3.61 20.16
C ALA A 90 -1.62 -5.03 20.35
N ALA A 91 -1.49 -5.85 19.30
CA ALA A 91 -1.72 -7.28 19.42
C ALA A 91 -0.37 -7.96 19.74
N TYR A 92 -0.18 -8.32 21.01
CA TYR A 92 1.16 -8.72 21.50
C TYR A 92 1.77 -9.89 20.75
N ASN A 93 0.93 -10.84 20.34
CA ASN A 93 1.48 -12.05 19.73
C ASN A 93 1.04 -12.22 18.27
N ALA A 94 0.72 -11.10 17.63
CA ALA A 94 0.41 -11.10 16.20
C ALA A 94 1.68 -11.32 15.39
N ILE A 95 1.54 -11.99 14.26
CA ILE A 95 2.69 -12.18 13.37
C ILE A 95 2.38 -11.63 11.98
N SER A 96 1.27 -10.92 11.88
CA SER A 96 0.94 -10.15 10.67
C SER A 96 0.29 -8.86 11.14
N LYS A 97 0.34 -7.86 10.29
CA LYS A 97 -0.37 -6.62 10.51
C LYS A 97 -1.87 -6.88 10.42
N PRO A 98 -2.66 -6.08 11.13
CA PRO A 98 -4.12 -6.27 11.04
C PRO A 98 -4.67 -5.78 9.70
N GLU A 99 -5.56 -6.58 9.11
CA GLU A 99 -6.32 -6.16 7.94
C GLU A 99 -7.69 -5.69 8.43
N VAL A 100 -7.95 -4.39 8.33
CA VAL A 100 -9.23 -3.83 8.77
C VAL A 100 -10.23 -3.96 7.63
N LEU A 101 -11.34 -4.65 7.89
CA LEU A 101 -12.25 -5.07 6.82
C LEU A 101 -13.40 -4.08 6.60
N THR A 102 -13.54 -3.12 7.52
CA THR A 102 -14.71 -2.25 7.59
C THR A 102 -14.32 -0.77 7.43
N PRO A 103 -15.30 0.10 7.10
CA PRO A 103 -14.95 1.52 6.93
C PRO A 103 -14.27 2.05 8.18
N GLN A 104 -13.23 2.85 8.02
CA GLN A 104 -12.43 3.30 9.14
C GLN A 104 -13.01 4.54 9.78
N LEU A 105 -14.24 4.41 10.29
CA LEU A 105 -14.96 5.50 10.92
C LEU A 105 -15.27 5.18 12.37
N ALA A 106 -15.40 6.21 13.19
CA ALA A 106 -15.84 6.06 14.57
C ALA A 106 -17.06 6.94 14.79
N LEU A 107 -17.89 6.55 15.75
CA LEU A 107 -19.05 7.35 16.14
C LEU A 107 -18.63 8.16 17.33
N VAL A 108 -19.07 9.40 17.37
CA VAL A 108 -18.73 10.27 18.49
C VAL A 108 -20.00 11.01 18.86
N ASN A 109 -20.40 10.98 20.12
CA ASN A 109 -21.56 11.76 20.54
C ASN A 109 -21.11 13.04 21.23
N SER A 110 -22.10 13.84 21.65
CA SER A 110 -21.84 15.21 22.09
C SER A 110 -21.08 15.34 23.41
N SER A 111 -21.03 14.27 24.19
CA SER A 111 -20.20 14.29 25.40
C SER A 111 -18.82 13.73 25.11
N GLY A 112 -18.51 13.53 23.83
CA GLY A 112 -17.17 13.12 23.43
C GLY A 112 -16.89 11.64 23.57
N HIS A 113 -17.93 10.84 23.74
CA HIS A 113 -17.74 9.40 23.79
C HIS A 113 -17.55 8.83 22.39
N VAL A 114 -16.40 8.20 22.16
CA VAL A 114 -16.04 7.67 20.85
C VAL A 114 -16.30 6.18 20.81
N GLN A 115 -16.85 5.68 19.70
CA GLN A 115 -16.99 4.25 19.55
C GLN A 115 -16.35 3.87 18.24
N TYR A 116 -15.37 2.97 18.29
CA TYR A 116 -14.70 2.54 17.08
C TYR A 116 -14.77 1.02 17.01
N LEU A 117 -15.34 0.51 15.93
CA LEU A 117 -15.81 -0.88 15.88
C LEU A 117 -15.28 -1.62 14.67
N PRO A 118 -13.95 -1.70 14.53
CA PRO A 118 -13.46 -2.35 13.31
C PRO A 118 -13.64 -3.85 13.31
N SER A 119 -13.94 -4.39 12.13
CA SER A 119 -13.81 -5.80 11.90
C SER A 119 -12.44 -6.08 11.30
N ILE A 120 -11.77 -7.11 11.81
CA ILE A 120 -10.33 -7.27 11.57
C ILE A 120 -9.96 -8.71 11.27
N ARG A 121 -9.13 -8.92 10.26
CA ARG A 121 -8.52 -10.23 10.09
C ARG A 121 -7.05 -10.12 10.48
N GLN A 122 -6.54 -11.13 11.18
CA GLN A 122 -5.16 -11.10 11.61
C GLN A 122 -4.64 -12.48 12.01
N ARG A 123 -3.33 -12.69 11.80
CA ARG A 123 -2.70 -13.95 12.15
C ARG A 123 -1.85 -13.82 13.43
N PHE A 124 -1.98 -14.82 14.30
CA PHE A 124 -1.35 -14.81 15.59
C PHE A 124 -0.54 -16.06 15.78
N SER A 125 0.57 -15.92 16.51
CA SER A 125 1.35 -17.07 16.93
C SER A 125 0.54 -17.86 17.95
N CYS A 126 0.57 -19.18 17.82
CA CYS A 126 -0.25 -20.05 18.66
C CYS A 126 0.18 -21.52 18.54
N ASP A 127 0.20 -22.24 19.65
CA ASP A 127 0.42 -23.69 19.60
C ASP A 127 -0.91 -24.36 19.20
N VAL A 128 -1.03 -24.74 17.94
CA VAL A 128 -2.25 -25.35 17.42
C VAL A 128 -2.16 -26.87 17.31
N SER A 129 -1.21 -27.47 18.03
CA SER A 129 -0.90 -28.88 17.87
C SER A 129 -2.05 -29.81 18.31
N GLY A 130 -2.76 -29.43 19.37
CA GLY A 130 -3.92 -30.18 19.82
C GLY A 130 -5.22 -30.01 19.05
N VAL A 131 -5.21 -29.25 17.96
CA VAL A 131 -6.45 -28.94 17.20
C VAL A 131 -7.31 -30.14 16.77
N ASP A 132 -6.69 -31.29 16.49
CA ASP A 132 -7.42 -32.48 16.07
C ASP A 132 -7.82 -33.38 17.25
N THR A 133 -7.30 -33.07 18.44
CA THR A 133 -7.62 -33.84 19.62
C THR A 133 -8.95 -33.37 20.18
N GLU A 134 -9.46 -34.09 21.17
CA GLU A 134 -10.74 -33.75 21.78
C GLU A 134 -10.61 -32.51 22.65
N SER A 135 -9.42 -32.32 23.22
CA SER A 135 -9.13 -31.16 24.05
C SER A 135 -9.06 -29.90 23.20
N GLY A 136 -8.71 -30.08 21.93
CA GLY A 136 -8.62 -28.97 20.99
C GLY A 136 -7.34 -28.18 21.18
N ALA A 137 -7.27 -27.04 20.51
CA ALA A 137 -6.14 -26.13 20.62
C ALA A 137 -6.58 -24.89 21.36
N THR A 138 -5.66 -24.32 22.13
CA THR A 138 -5.94 -23.10 22.87
C THR A 138 -5.02 -22.00 22.36
N CYS A 139 -5.62 -20.88 21.96
CA CYS A 139 -4.87 -19.74 21.47
C CYS A 139 -5.18 -18.53 22.32
N LYS A 140 -4.15 -17.83 22.75
CA LYS A 140 -4.32 -16.59 23.47
C LYS A 140 -4.13 -15.43 22.52
N LEU A 141 -5.08 -14.51 22.51
CA LEU A 141 -4.99 -13.31 21.70
C LEU A 141 -4.81 -12.19 22.69
N LYS A 142 -3.60 -11.65 22.77
CA LYS A 142 -3.27 -10.70 23.82
C LYS A 142 -3.12 -9.28 23.27
N PHE A 143 -3.79 -8.33 23.91
CA PHE A 143 -3.80 -6.93 23.48
C PHE A 143 -3.50 -5.98 24.65
N GLY A 144 -2.86 -4.86 24.35
CA GLY A 144 -2.59 -3.83 25.35
C GLY A 144 -1.96 -2.61 24.73
N SER A 145 -1.99 -1.48 25.43
CA SER A 145 -1.36 -0.25 24.96
C SER A 145 0.15 -0.47 24.86
N TRP A 146 0.76 -0.02 23.77
CA TRP A 146 2.20 -0.23 23.59
C TRP A 146 3.03 0.80 24.36
N THR A 147 2.47 1.98 24.59
CA THR A 147 3.26 3.08 25.15
C THR A 147 2.64 3.79 26.36
N HIS A 148 1.39 3.49 26.66
CA HIS A 148 0.70 4.13 27.79
C HIS A 148 0.50 3.19 28.97
N HIS A 149 0.98 3.61 30.13
CA HIS A 149 0.77 2.84 31.34
C HIS A 149 -0.62 3.03 31.95
N SER A 150 -0.84 2.34 33.06
CA SER A 150 -2.13 2.23 33.73
C SER A 150 -2.72 3.57 34.16
N ARG A 151 -1.87 4.48 34.60
CA ARG A 151 -2.33 5.76 35.11
C ARG A 151 -2.66 6.73 33.97
N GLU A 152 -2.43 6.28 32.75
CA GLU A 152 -2.73 7.09 31.58
C GLU A 152 -3.83 6.47 30.76
N LEU A 153 -3.77 5.15 30.59
CA LEU A 153 -4.76 4.45 29.77
C LEU A 153 -5.23 3.22 30.53
N ASP A 154 -6.50 3.25 30.90
CA ASP A 154 -7.09 2.21 31.74
C ASP A 154 -7.95 1.30 30.86
N LEU A 155 -7.34 0.20 30.44
CA LEU A 155 -7.96 -0.78 29.57
C LEU A 155 -8.89 -1.68 30.36
N GLN A 156 -10.17 -1.66 30.00
CA GLN A 156 -11.18 -2.43 30.70
C GLN A 156 -11.86 -3.37 29.72
N MET A 157 -12.16 -4.59 30.12
CA MET A 157 -12.82 -5.48 29.17
C MET A 157 -14.32 -5.55 29.37
N GLN A 158 -15.02 -6.08 28.38
CA GLN A 158 -16.46 -6.18 28.45
C GLN A 158 -16.85 -7.65 28.34
N GLU A 159 -18.14 -7.91 28.19
CA GLU A 159 -18.67 -9.27 28.04
C GLU A 159 -17.95 -10.07 26.95
N ALA A 160 -17.59 -11.30 27.28
CA ALA A 160 -17.25 -12.30 26.27
C ALA A 160 -18.44 -12.48 25.33
N ASP A 161 -18.16 -12.68 24.05
CA ASP A 161 -19.17 -12.66 23.00
C ASP A 161 -18.80 -13.66 21.89
N ILE A 162 -19.54 -14.75 21.88
CA ILE A 162 -19.34 -15.93 21.04
C ILE A 162 -20.44 -15.93 19.97
N SER A 163 -21.39 -15.01 20.11
CA SER A 163 -22.61 -15.04 19.30
C SER A 163 -22.36 -14.87 17.81
N GLY A 164 -21.27 -14.19 17.46
CA GLY A 164 -20.95 -13.97 16.05
C GLY A 164 -20.17 -15.08 15.38
N TYR A 165 -19.83 -16.15 16.11
CA TYR A 165 -19.03 -17.20 15.49
C TYR A 165 -19.81 -17.92 14.40
N ILE A 166 -19.23 -18.02 13.21
CA ILE A 166 -20.00 -18.63 12.12
C ILE A 166 -20.13 -20.10 12.42
N PRO A 167 -21.33 -20.65 12.22
CA PRO A 167 -21.63 -22.03 12.59
C PRO A 167 -21.19 -23.05 11.55
N TYR A 168 -20.68 -22.62 10.39
CA TYR A 168 -20.36 -23.58 9.32
C TYR A 168 -18.87 -23.75 9.09
N SER A 169 -18.08 -23.21 10.00
CA SER A 169 -16.64 -23.43 10.03
C SER A 169 -16.31 -24.91 10.25
N ARG A 170 -15.12 -25.34 9.83
CA ARG A 170 -14.69 -26.70 10.11
C ARG A 170 -14.14 -26.79 11.53
N PHE A 171 -14.12 -25.66 12.23
CA PHE A 171 -13.64 -25.61 13.60
C PHE A 171 -14.76 -25.37 14.58
N GLU A 172 -14.83 -26.22 15.59
CA GLU A 172 -15.82 -26.07 16.63
C GLU A 172 -15.26 -25.16 17.72
N LEU A 173 -15.96 -24.07 18.00
CA LEU A 173 -15.54 -23.13 19.03
C LEU A 173 -16.01 -23.61 20.40
N VAL A 174 -15.16 -24.34 21.11
CA VAL A 174 -15.47 -24.82 22.45
C VAL A 174 -15.87 -23.68 23.39
N GLY A 175 -14.94 -22.76 23.63
CA GLY A 175 -15.21 -21.63 24.49
C GLY A 175 -14.15 -20.54 24.40
N VAL A 176 -14.50 -19.36 24.89
CA VAL A 176 -13.58 -18.23 24.91
C VAL A 176 -13.61 -17.53 26.26
N THR A 177 -12.53 -17.65 27.03
CA THR A 177 -12.40 -16.94 28.29
C THR A 177 -11.54 -15.69 28.16
N GLN A 178 -11.65 -14.80 29.13
CA GLN A 178 -10.87 -13.57 29.07
C GLN A 178 -10.37 -13.07 30.43
N LYS A 179 -9.21 -12.43 30.40
CA LYS A 179 -8.64 -11.89 31.63
C LYS A 179 -7.81 -10.64 31.40
N ARG A 180 -7.87 -9.76 32.38
CA ARG A 180 -7.12 -8.52 32.36
C ARG A 180 -6.04 -8.60 33.43
N SER A 181 -4.81 -8.26 33.05
CA SER A 181 -3.72 -8.23 34.01
C SER A 181 -3.04 -6.88 33.92
N GLU A 182 -2.43 -6.46 35.03
CA GLU A 182 -1.59 -5.27 35.04
C GLU A 182 -0.17 -5.76 35.22
N ARG A 183 0.58 -5.81 34.12
CA ARG A 183 1.94 -6.34 34.17
C ARG A 183 2.98 -5.26 34.45
N PHE A 184 3.91 -5.57 35.34
CA PHE A 184 5.03 -4.70 35.60
C PHE A 184 6.22 -5.11 34.73
N TYR A 185 7.00 -4.12 34.31
CA TYR A 185 8.23 -4.38 33.58
C TYR A 185 9.38 -3.69 34.29
N GLU A 186 10.56 -4.29 34.21
CA GLU A 186 11.74 -3.77 34.89
C GLU A 186 12.03 -2.31 34.55
N CYS A 187 11.68 -1.90 33.34
CA CYS A 187 11.94 -0.55 32.84
C CYS A 187 11.26 0.51 33.66
N CYS A 188 9.99 0.26 34.02
CA CYS A 188 9.10 1.34 34.43
C CYS A 188 8.49 1.15 35.81
N LYS A 189 8.18 2.28 36.44
CA LYS A 189 7.53 2.28 37.74
C LYS A 189 6.06 1.85 37.63
N GLU A 190 5.44 2.19 36.51
CA GLU A 190 4.00 2.00 36.34
C GLU A 190 3.72 0.73 35.54
N PRO A 191 2.65 0.01 35.92
CA PRO A 191 2.24 -1.19 35.16
C PRO A 191 1.52 -0.85 33.86
N TYR A 192 1.49 -1.82 32.96
CA TYR A 192 0.80 -1.71 31.69
C TYR A 192 -0.24 -2.81 31.61
N PRO A 193 -1.52 -2.42 31.59
CA PRO A 193 -2.57 -3.43 31.58
C PRO A 193 -2.65 -4.12 30.22
N ASP A 194 -2.95 -5.41 30.21
CA ASP A 194 -3.31 -6.06 28.96
C ASP A 194 -4.55 -6.93 29.13
N VAL A 195 -5.31 -7.06 28.05
CA VAL A 195 -6.44 -7.97 28.02
C VAL A 195 -6.10 -9.18 27.14
N THR A 196 -6.33 -10.38 27.67
CA THR A 196 -6.07 -11.61 26.94
C THR A 196 -7.36 -12.41 26.68
N PHE A 197 -7.57 -12.77 25.41
CA PHE A 197 -8.70 -13.61 25.03
C PHE A 197 -8.24 -14.99 24.68
N THR A 198 -8.69 -15.96 25.47
CA THR A 198 -8.27 -17.33 25.34
C THR A 198 -9.34 -18.14 24.61
N VAL A 199 -8.95 -18.66 23.45
CA VAL A 199 -9.87 -19.34 22.56
C VAL A 199 -9.50 -20.80 22.49
N THR A 200 -10.46 -21.67 22.79
CA THR A 200 -10.23 -23.10 22.68
C THR A 200 -11.10 -23.63 21.56
N PHE A 201 -10.52 -24.39 20.64
CA PHE A 201 -11.26 -24.87 19.46
C PHE A 201 -10.68 -26.18 18.96
N ARG A 202 -11.45 -26.94 18.19
CA ARG A 202 -10.99 -28.20 17.64
C ARG A 202 -11.65 -28.46 16.29
N LYS A 203 -11.07 -29.34 15.48
CA LYS A 203 -11.70 -29.71 14.22
C LYS A 203 -12.99 -30.48 14.46
N LYS A 204 -14.05 -30.10 13.76
CA LYS A 204 -15.29 -30.87 13.78
C LYS A 204 -15.06 -32.28 13.25
N GLY A 205 -14.04 -32.42 12.40
CA GLY A 205 -13.64 -33.71 11.89
C GLY A 205 -12.22 -34.08 12.25
N GLY B 1 -3.08 16.15 28.56
CA GLY B 1 -3.59 17.32 29.23
C GLY B 1 -3.49 18.57 28.36
N GLU B 2 -3.85 19.71 28.95
CA GLU B 2 -3.73 20.98 28.25
C GLU B 2 -2.26 21.34 28.12
N PHE B 3 -1.48 20.88 29.09
CA PHE B 3 -0.05 21.14 29.09
C PHE B 3 0.67 20.25 28.10
N GLN B 4 0.17 19.03 27.93
CA GLN B 4 0.75 18.14 26.92
C GLN B 4 0.49 18.71 25.53
N ARG B 5 -0.66 19.35 25.36
CA ARG B 5 -1.01 19.94 24.08
C ARG B 5 -0.13 21.14 23.78
N LYS B 6 0.07 21.99 24.78
CA LYS B 6 1.02 23.09 24.67
C LYS B 6 2.44 22.59 24.37
N LEU B 7 2.79 21.41 24.90
CA LEU B 7 4.13 20.86 24.70
C LEU B 7 4.37 20.36 23.28
N TYR B 8 3.33 19.82 22.65
N TYR B 8 3.33 19.82 22.64
CA TYR B 8 3.44 19.40 21.25
CA TYR B 8 3.44 19.41 21.25
C TYR B 8 3.61 20.62 20.34
C TYR B 8 3.66 20.64 20.38
N LYS B 9 2.93 21.71 20.69
CA LYS B 9 3.00 22.94 19.90
C LYS B 9 4.38 23.62 19.98
N GLU B 10 5.14 23.32 21.01
CA GLU B 10 6.48 23.87 21.15
C GLU B 10 7.53 22.94 20.55
N LEU B 11 7.41 21.65 20.87
CA LEU B 11 8.34 20.64 20.38
C LEU B 11 8.22 20.43 18.87
N VAL B 12 7.24 21.07 18.26
CA VAL B 12 7.04 20.96 16.81
C VAL B 12 7.69 22.16 16.14
N LYS B 13 7.73 23.26 16.89
CA LYS B 13 7.96 24.59 16.34
C LYS B 13 9.13 24.74 15.37
N ASN B 14 10.26 24.12 15.67
CA ASN B 14 11.42 24.25 14.78
C ASN B 14 12.09 22.91 14.53
N TYR B 15 11.32 21.85 14.69
CA TYR B 15 11.88 20.51 14.64
C TYR B 15 11.80 19.92 13.24
N ASN B 16 12.91 19.37 12.77
CA ASN B 16 12.96 18.72 11.48
C ASN B 16 13.34 17.26 11.64
N PRO B 17 12.36 16.36 11.50
CA PRO B 17 12.53 14.91 11.73
C PRO B 17 13.45 14.25 10.70
N ASP B 18 13.80 14.97 9.64
CA ASP B 18 14.77 14.47 8.68
C ASP B 18 16.23 14.73 9.08
N VAL B 19 16.42 15.48 10.17
CA VAL B 19 17.76 15.93 10.56
C VAL B 19 18.25 15.22 11.83
N ILE B 20 19.33 14.45 11.69
CA ILE B 20 19.90 13.75 12.85
C ILE B 20 20.26 14.78 13.94
N PRO B 21 19.86 14.52 15.19
CA PRO B 21 20.04 15.50 16.26
C PRO B 21 21.43 15.44 16.91
N THR B 22 22.47 15.52 16.08
CA THR B 22 23.81 15.73 16.61
C THR B 22 23.86 17.09 17.27
N GLN B 23 24.70 17.24 18.28
CA GLN B 23 24.93 18.55 18.88
C GLN B 23 26.40 18.73 19.08
N ARG B 24 26.89 19.95 18.80
CA ARG B 24 28.27 20.32 19.08
C ARG B 24 29.28 19.26 18.68
N ASP B 25 29.22 18.81 17.42
CA ASP B 25 30.21 17.87 16.87
C ASP B 25 30.07 16.44 17.43
N ARG B 26 29.19 16.25 18.40
CA ARG B 26 29.05 14.95 19.07
C ARG B 26 28.05 14.03 18.36
N PRO B 27 28.46 12.77 18.14
CA PRO B 27 27.53 11.79 17.56
C PRO B 27 26.31 11.57 18.44
N VAL B 28 25.20 11.15 17.83
CA VAL B 28 24.07 10.67 18.59
C VAL B 28 24.33 9.21 18.90
N THR B 29 24.34 8.86 20.17
CA THR B 29 24.54 7.46 20.53
C THR B 29 23.22 6.72 20.47
N VAL B 30 23.18 5.65 19.68
CA VAL B 30 21.99 4.84 19.56
C VAL B 30 22.21 3.45 20.16
N TYR B 31 21.48 3.11 21.21
CA TYR B 31 21.54 1.78 21.79
C TYR B 31 20.54 0.85 21.12
N PHE B 32 21.00 -0.37 20.88
CA PHE B 32 20.29 -1.29 20.02
C PHE B 32 20.38 -2.71 20.57
N SER B 33 19.26 -3.40 20.60
CA SER B 33 19.26 -4.82 20.93
C SER B 33 18.11 -5.49 20.20
N LEU B 34 18.26 -6.78 19.91
CA LEU B 34 17.23 -7.56 19.26
C LEU B 34 16.85 -8.72 20.19
N SER B 35 15.56 -9.04 20.27
CA SER B 35 15.11 -10.22 20.99
C SER B 35 14.34 -11.08 20.02
N LEU B 36 14.80 -12.31 19.85
CA LEU B 36 14.16 -13.21 18.91
C LEU B 36 12.86 -13.74 19.53
N LEU B 37 11.74 -13.52 18.85
CA LEU B 37 10.45 -13.99 19.36
C LEU B 37 10.08 -15.34 18.74
N GLN B 38 10.23 -15.47 17.43
CA GLN B 38 9.85 -16.70 16.74
C GLN B 38 10.59 -16.87 15.42
N ILE B 39 10.95 -18.11 15.10
CA ILE B 39 11.43 -18.43 13.77
C ILE B 39 10.24 -19.05 13.06
N MET B 40 9.63 -18.26 12.18
CA MET B 40 8.39 -18.62 11.48
C MET B 40 8.58 -19.71 10.46
N ASP B 41 9.71 -19.69 9.76
CA ASP B 41 9.93 -20.64 8.67
C ASP B 41 11.36 -20.60 8.20
N VAL B 42 11.79 -21.68 7.54
CA VAL B 42 13.06 -21.71 6.84
C VAL B 42 12.79 -22.21 5.44
N ASP B 43 13.44 -21.57 4.46
CA ASP B 43 13.33 -22.02 3.09
C ASP B 43 14.67 -22.64 2.72
N GLU B 44 14.70 -23.97 2.70
CA GLU B 44 15.96 -24.67 2.50
C GLU B 44 16.39 -24.60 1.05
N LYS B 45 15.42 -24.47 0.15
CA LYS B 45 15.73 -24.38 -1.28
C LYS B 45 16.34 -23.02 -1.64
N ASN B 46 15.74 -21.96 -1.14
CA ASN B 46 16.14 -20.61 -1.51
C ASN B 46 17.06 -19.91 -0.49
N GLN B 47 17.34 -20.60 0.61
CA GLN B 47 18.27 -20.09 1.64
C GLN B 47 17.76 -18.82 2.28
N VAL B 48 16.67 -18.94 3.03
CA VAL B 48 15.99 -17.80 3.63
C VAL B 48 15.46 -18.25 4.98
N VAL B 49 15.57 -17.36 5.96
CA VAL B 49 14.97 -17.55 7.27
C VAL B 49 13.99 -16.40 7.51
N ASP B 50 12.84 -16.73 8.11
CA ASP B 50 11.73 -15.80 8.31
C ASP B 50 11.52 -15.69 9.81
N VAL B 51 11.82 -14.53 10.37
CA VAL B 51 11.82 -14.38 11.83
C VAL B 51 10.95 -13.24 12.31
N VAL B 52 10.39 -13.40 13.50
CA VAL B 52 9.72 -12.30 14.18
C VAL B 52 10.59 -11.95 15.37
N PHE B 53 10.89 -10.66 15.52
CA PHE B 53 11.78 -10.23 16.57
C PHE B 53 11.36 -8.89 17.11
N TRP B 54 11.82 -8.59 18.32
CA TRP B 54 11.49 -7.34 18.97
C TRP B 54 12.76 -6.49 19.07
N LEU B 55 12.74 -5.31 18.48
CA LEU B 55 13.90 -4.41 18.52
C LEU B 55 13.74 -3.38 19.62
N GLN B 56 14.80 -3.17 20.39
CA GLN B 56 14.80 -2.08 21.35
C GLN B 56 15.83 -1.06 20.92
N MET B 57 15.37 0.13 20.58
CA MET B 57 16.26 1.19 20.15
C MET B 57 16.02 2.39 21.02
N SER B 58 17.09 2.99 21.50
CA SER B 58 16.96 4.21 22.26
C SER B 58 18.14 5.14 21.97
N TRP B 59 17.89 6.43 22.17
CA TRP B 59 18.86 7.47 21.89
C TRP B 59 18.32 8.73 22.52
N THR B 60 19.17 9.76 22.56
CA THR B 60 18.79 11.03 23.13
C THR B 60 18.67 12.03 22.01
N ASP B 61 17.57 12.75 22.00
CA ASP B 61 17.35 13.80 21.03
C ASP B 61 17.27 15.07 21.87
N HIS B 62 18.30 15.89 21.79
CA HIS B 62 18.39 17.05 22.67
C HIS B 62 17.41 18.16 22.27
N TYR B 63 16.82 18.05 21.09
CA TYR B 63 15.79 19.01 20.68
C TYR B 63 14.40 18.68 21.24
N LEU B 64 14.30 17.55 21.93
CA LEU B 64 13.01 17.12 22.46
C LEU B 64 12.98 17.14 23.99
N GLN B 65 13.67 18.11 24.60
CA GLN B 65 13.61 18.22 26.05
C GLN B 65 12.77 19.42 26.51
N TRP B 66 12.31 19.35 27.75
CA TRP B 66 11.51 20.42 28.33
C TRP B 66 11.60 20.40 29.85
N ASN B 67 11.42 21.56 30.48
CA ASN B 67 11.38 21.62 31.93
C ASN B 67 10.02 21.15 32.41
N VAL B 68 10.01 20.12 33.26
CA VAL B 68 8.79 19.60 33.85
C VAL B 68 8.03 20.70 34.59
N SER B 69 8.77 21.63 35.18
CA SER B 69 8.18 22.74 35.92
C SER B 69 7.32 23.67 35.06
N GLU B 70 7.56 23.67 33.74
CA GLU B 70 6.77 24.49 32.83
C GLU B 70 5.54 23.74 32.35
N TYR B 71 5.68 22.42 32.18
CA TYR B 71 4.58 21.57 31.76
C TYR B 71 4.33 20.51 32.82
N PRO B 72 3.71 20.91 33.93
CA PRO B 72 3.58 20.06 35.12
C PRO B 72 2.77 18.79 34.87
N GLY B 73 3.29 17.67 35.35
CA GLY B 73 2.62 16.40 35.19
C GLY B 73 3.15 15.63 33.99
N VAL B 74 3.66 16.36 33.01
CA VAL B 74 4.17 15.72 31.80
C VAL B 74 5.60 15.20 32.00
N LYS B 75 5.72 13.92 32.31
CA LYS B 75 7.03 13.30 32.47
C LYS B 75 7.49 12.71 31.15
N GLN B 76 6.53 12.39 30.29
CA GLN B 76 6.83 11.77 29.01
C GLN B 76 5.63 11.78 28.08
N VAL B 77 5.91 11.59 26.79
CA VAL B 77 4.89 11.66 25.76
C VAL B 77 5.13 10.55 24.73
N SER B 78 4.04 10.12 24.12
CA SER B 78 4.07 9.11 23.08
C SER B 78 3.83 9.79 21.72
N VAL B 79 4.80 9.61 20.82
CA VAL B 79 4.92 10.41 19.61
C VAL B 79 5.02 9.50 18.41
N PRO B 80 4.19 9.72 17.37
CA PRO B 80 4.34 8.91 16.16
C PRO B 80 5.74 9.09 15.59
N ILE B 81 6.35 8.01 15.11
CA ILE B 81 7.75 8.07 14.67
C ILE B 81 7.94 9.05 13.49
N SER B 82 6.89 9.25 12.70
CA SER B 82 6.94 10.16 11.58
C SER B 82 7.10 11.62 12.03
N SER B 83 6.86 11.89 13.31
CA SER B 83 7.03 13.25 13.84
C SER B 83 8.43 13.50 14.43
N LEU B 84 9.24 12.45 14.54
CA LEU B 84 10.61 12.69 15.01
C LEU B 84 11.71 11.97 14.23
N TRP B 85 12.94 12.43 14.39
CA TRP B 85 14.07 11.74 13.80
C TRP B 85 14.17 10.35 14.40
N VAL B 86 14.35 9.34 13.56
CA VAL B 86 14.63 7.98 14.03
C VAL B 86 15.80 7.42 13.22
N PRO B 87 16.64 6.59 13.85
CA PRO B 87 17.82 6.05 13.18
C PRO B 87 17.44 5.26 11.93
N ASP B 88 18.17 5.48 10.83
CA ASP B 88 17.87 4.77 9.59
C ASP B 88 18.52 3.38 9.62
N LEU B 89 18.20 2.58 10.63
CA LEU B 89 18.81 1.26 10.71
C LEU B 89 18.26 0.33 9.65
N ALA B 90 19.17 -0.37 8.98
CA ALA B 90 18.80 -1.30 7.94
C ALA B 90 19.29 -2.70 8.30
N ALA B 91 18.55 -3.70 7.82
CA ALA B 91 18.95 -5.08 7.88
C ALA B 91 19.78 -5.37 6.64
N TYR B 92 21.10 -5.50 6.83
CA TYR B 92 22.03 -5.62 5.70
C TYR B 92 21.71 -6.84 4.85
N ASN B 93 21.32 -7.94 5.48
CA ASN B 93 21.12 -9.16 4.71
C ASN B 93 19.64 -9.58 4.60
N ALA B 94 18.73 -8.61 4.70
CA ALA B 94 17.31 -8.88 4.54
C ALA B 94 16.97 -9.07 3.07
N ILE B 95 16.01 -9.95 2.81
CA ILE B 95 15.51 -10.12 1.45
C ILE B 95 14.02 -9.75 1.35
N SER B 96 13.49 -9.14 2.40
CA SER B 96 12.13 -8.61 2.36
C SER B 96 12.07 -7.30 3.16
N LYS B 97 11.10 -6.44 2.84
CA LYS B 97 10.89 -5.21 3.64
C LYS B 97 10.42 -5.61 5.03
N PRO B 98 10.83 -4.86 6.06
CA PRO B 98 10.37 -5.21 7.41
C PRO B 98 8.88 -4.98 7.53
N GLU B 99 8.17 -5.89 8.21
CA GLU B 99 6.76 -5.68 8.48
C GLU B 99 6.66 -5.29 9.97
N VAL B 100 6.36 -4.03 10.24
CA VAL B 100 6.27 -3.56 11.63
C VAL B 100 4.92 -3.98 12.19
N LEU B 101 4.95 -4.67 13.32
CA LEU B 101 3.76 -5.33 13.87
C LEU B 101 3.06 -4.53 14.96
N THR B 102 3.71 -3.48 15.46
CA THR B 102 3.24 -2.78 16.65
C THR B 102 3.02 -1.30 16.35
N PRO B 103 2.30 -0.58 17.24
CA PRO B 103 2.09 0.85 16.93
C PRO B 103 3.39 1.61 16.71
N GLN B 104 3.40 2.44 15.68
CA GLN B 104 4.62 3.15 15.32
C GLN B 104 4.75 4.45 16.10
N LEU B 105 4.91 4.30 17.41
CA LEU B 105 5.05 5.42 18.33
C LEU B 105 6.31 5.22 19.12
N ALA B 106 6.90 6.30 19.59
CA ALA B 106 8.09 6.23 20.43
C ALA B 106 7.79 6.98 21.72
N LEU B 107 8.36 6.50 22.82
CA LEU B 107 8.29 7.21 24.10
C LEU B 107 9.45 8.20 24.21
N VAL B 108 9.13 9.41 24.65
CA VAL B 108 10.09 10.48 24.78
C VAL B 108 9.90 11.09 26.16
N ASN B 109 10.95 11.16 26.97
CA ASN B 109 10.81 11.86 28.26
C ASN B 109 11.42 13.26 28.24
N SER B 110 11.32 13.97 29.36
CA SER B 110 11.60 15.39 29.40
C SER B 110 13.08 15.76 29.19
N SER B 111 13.97 14.77 29.23
CA SER B 111 15.38 15.05 28.98
C SER B 111 15.75 14.56 27.58
N GLY B 112 14.73 14.24 26.79
CA GLY B 112 14.92 13.94 25.38
C GLY B 112 15.30 12.51 25.10
N HIS B 113 15.20 11.63 26.10
CA HIS B 113 15.47 10.24 25.82
C HIS B 113 14.31 9.64 25.04
N VAL B 114 14.61 9.00 23.92
CA VAL B 114 13.60 8.40 23.06
C VAL B 114 13.75 6.88 23.11
N GLN B 115 12.62 6.18 23.21
CA GLN B 115 12.60 4.72 23.15
C GLN B 115 11.60 4.27 22.10
N TYR B 116 12.10 3.54 21.10
CA TYR B 116 11.27 2.99 20.02
C TYR B 116 11.48 1.48 20.06
N LEU B 117 10.40 0.74 20.22
CA LEU B 117 10.48 -0.68 20.55
C LEU B 117 9.60 -1.55 19.63
N PRO B 118 9.84 -1.50 18.32
CA PRO B 118 8.87 -2.18 17.45
C PRO B 118 9.09 -3.68 17.45
N SER B 119 8.00 -4.42 17.26
CA SER B 119 8.09 -5.82 16.91
C SER B 119 8.03 -5.92 15.39
N ILE B 120 8.78 -6.86 14.82
CA ILE B 120 8.99 -6.87 13.37
C ILE B 120 9.10 -8.28 12.81
N ARG B 121 8.45 -8.51 11.67
CA ARG B 121 8.68 -9.73 10.92
C ARG B 121 9.44 -9.40 9.63
N GLN B 122 10.46 -10.21 9.32
CA GLN B 122 11.26 -9.93 8.14
C GLN B 122 11.99 -11.21 7.78
N ARG B 123 12.31 -11.33 6.50
CA ARG B 123 13.04 -12.48 5.99
C ARG B 123 14.48 -12.10 5.59
N PHE B 124 15.39 -13.01 5.88
CA PHE B 124 16.81 -12.75 5.72
C PHE B 124 17.48 -13.85 4.90
N SER B 125 18.45 -13.48 4.09
CA SER B 125 19.28 -14.47 3.44
C SER B 125 20.05 -15.19 4.52
N CYS B 126 20.08 -16.52 4.45
CA CYS B 126 20.85 -17.32 5.41
C CYS B 126 21.09 -18.73 4.89
N ASP B 127 22.27 -19.25 5.14
CA ASP B 127 22.54 -20.65 4.86
C ASP B 127 21.87 -21.53 5.93
N VAL B 128 20.70 -22.07 5.59
CA VAL B 128 19.96 -22.88 6.55
C VAL B 128 20.10 -24.40 6.30
N SER B 129 21.10 -24.77 5.51
CA SER B 129 21.29 -26.18 5.14
C SER B 129 21.58 -27.10 6.32
N GLY B 130 22.07 -26.53 7.42
CA GLY B 130 22.39 -27.33 8.59
C GLY B 130 21.28 -27.42 9.62
N VAL B 131 20.11 -26.87 9.28
CA VAL B 131 18.97 -26.82 10.22
C VAL B 131 18.55 -28.20 10.74
N ASP B 132 18.88 -29.26 10.01
CA ASP B 132 18.51 -30.60 10.41
C ASP B 132 19.64 -31.35 11.11
N THR B 133 20.74 -30.66 11.37
CA THR B 133 21.88 -31.27 12.06
C THR B 133 21.92 -30.89 13.54
N GLU B 134 22.78 -31.55 14.31
CA GLU B 134 22.93 -31.26 15.73
C GLU B 134 23.52 -29.87 15.98
N SER B 135 24.42 -29.45 15.11
CA SER B 135 25.04 -28.14 15.21
C SER B 135 24.12 -27.06 14.68
N GLY B 136 23.09 -27.47 13.94
CA GLY B 136 22.08 -26.56 13.47
C GLY B 136 22.53 -25.58 12.39
N ALA B 137 21.70 -24.59 12.16
CA ALA B 137 21.98 -23.56 11.17
C ALA B 137 22.35 -22.30 11.91
N THR B 138 23.27 -21.54 11.35
CA THR B 138 23.67 -20.27 11.96
C THR B 138 23.34 -19.11 11.03
N CYS B 139 22.55 -18.17 11.53
CA CYS B 139 22.14 -17.01 10.75
C CYS B 139 22.61 -15.72 11.39
N LYS B 140 23.25 -14.88 10.60
CA LYS B 140 23.66 -13.54 11.05
C LYS B 140 22.62 -12.49 10.63
N LEU B 141 21.94 -11.93 11.62
CA LEU B 141 21.09 -10.77 11.38
C LEU B 141 21.92 -9.52 11.62
N LYS B 142 22.34 -8.88 10.53
CA LYS B 142 23.27 -7.77 10.62
C LYS B 142 22.57 -6.44 10.40
N PHE B 143 22.66 -5.53 11.38
CA PHE B 143 21.99 -4.24 11.32
C PHE B 143 22.94 -3.08 11.44
N GLY B 144 22.66 -2.01 10.71
CA GLY B 144 23.43 -0.79 10.82
C GLY B 144 22.77 0.36 10.10
N SER B 145 23.26 1.56 10.37
CA SER B 145 22.76 2.75 9.70
C SER B 145 23.08 2.68 8.22
N TRP B 146 22.09 3.00 7.40
CA TRP B 146 22.29 2.95 5.96
C TRP B 146 23.12 4.14 5.49
N THR B 147 23.00 5.28 6.16
CA THR B 147 23.64 6.49 5.65
C THR B 147 24.52 7.25 6.64
N HIS B 148 24.44 6.94 7.92
CA HIS B 148 25.20 7.70 8.92
C HIS B 148 26.45 6.96 9.40
N HIS B 149 27.61 7.61 9.32
CA HIS B 149 28.85 7.03 9.84
C HIS B 149 28.95 7.13 11.37
N SER B 150 30.01 6.53 11.93
CA SER B 150 30.25 6.44 13.38
C SER B 150 30.28 7.77 14.12
N ARG B 151 30.83 8.80 13.49
CA ARG B 151 30.97 10.06 14.17
C ARG B 151 29.70 10.92 14.12
N GLU B 152 28.67 10.42 13.45
CA GLU B 152 27.34 11.05 13.47
C GLU B 152 26.37 10.22 14.29
N LEU B 153 26.40 8.91 14.06
CA LEU B 153 25.46 7.99 14.68
C LEU B 153 26.28 6.87 15.28
N ASP B 154 26.45 6.91 16.59
CA ASP B 154 27.32 5.97 17.26
C ASP B 154 26.49 4.79 17.75
N LEU B 155 26.41 3.74 16.93
CA LEU B 155 25.60 2.58 17.25
C LEU B 155 26.28 1.71 18.31
N GLN B 156 25.62 1.54 19.44
CA GLN B 156 26.14 0.69 20.51
C GLN B 156 25.11 -0.37 20.80
N MET B 157 25.54 -1.49 21.36
CA MET B 157 24.57 -2.55 21.60
C MET B 157 24.31 -2.75 23.08
N GLN B 158 23.08 -3.12 23.41
CA GLN B 158 22.75 -3.39 24.81
C GLN B 158 22.41 -4.88 24.97
N GLU B 159 22.27 -5.33 26.22
CA GLU B 159 22.08 -6.74 26.53
C GLU B 159 20.88 -7.36 25.83
N ALA B 160 21.10 -8.48 25.15
CA ALA B 160 20.05 -9.17 24.40
C ALA B 160 18.96 -9.75 25.31
N ASP B 161 18.05 -10.51 24.70
CA ASP B 161 17.03 -11.20 25.47
C ASP B 161 16.61 -12.47 24.74
N ILE B 162 16.59 -13.58 25.48
CA ILE B 162 16.21 -14.87 24.93
C ILE B 162 14.85 -15.30 25.51
N SER B 163 14.50 -14.67 26.63
CA SER B 163 13.31 -15.05 27.40
C SER B 163 11.99 -14.99 26.63
N GLY B 164 11.97 -14.22 25.54
CA GLY B 164 10.74 -14.02 24.80
C GLY B 164 10.50 -15.03 23.68
N TYR B 165 11.46 -15.92 23.46
CA TYR B 165 11.33 -16.90 22.38
C TYR B 165 10.23 -17.90 22.69
N ILE B 166 9.24 -18.02 21.79
CA ILE B 166 8.12 -18.95 22.03
C ILE B 166 8.60 -20.39 22.14
N PRO B 167 8.10 -21.11 23.16
CA PRO B 167 8.53 -22.49 23.41
C PRO B 167 7.94 -23.55 22.48
N TYR B 168 6.88 -23.23 21.73
CA TYR B 168 6.17 -24.27 21.00
C TYR B 168 6.50 -24.32 19.51
N SER B 169 7.53 -23.61 19.07
CA SER B 169 7.90 -23.66 17.67
C SER B 169 8.58 -24.99 17.33
N ARG B 170 8.71 -25.29 16.05
CA ARG B 170 9.34 -26.53 15.65
C ARG B 170 10.86 -26.34 15.61
N PHE B 171 11.31 -25.13 15.93
CA PHE B 171 12.74 -24.83 15.94
C PHE B 171 13.27 -24.61 17.36
N GLU B 172 14.28 -25.38 17.71
CA GLU B 172 14.93 -25.22 18.99
C GLU B 172 16.01 -24.15 18.84
N LEU B 173 15.99 -23.17 19.74
CA LEU B 173 16.97 -22.09 19.78
C LEU B 173 18.19 -22.54 20.58
N VAL B 174 19.29 -22.80 19.89
CA VAL B 174 20.48 -23.30 20.58
C VAL B 174 21.44 -22.20 21.06
N GLY B 175 21.21 -20.97 20.62
CA GLY B 175 22.05 -19.87 21.03
C GLY B 175 21.90 -18.59 20.22
N VAL B 176 22.17 -17.45 20.88
CA VAL B 176 22.17 -16.15 20.23
C VAL B 176 23.29 -15.28 20.80
N THR B 177 24.20 -14.87 19.92
CA THR B 177 25.26 -13.94 20.30
C THR B 177 25.13 -12.62 19.54
N GLN B 178 25.69 -11.56 20.09
CA GLN B 178 25.58 -10.25 19.47
C GLN B 178 26.92 -9.55 19.56
N LYS B 179 27.38 -8.97 18.45
CA LYS B 179 28.59 -8.16 18.51
C LYS B 179 28.52 -6.90 17.67
N ARG B 180 29.18 -5.88 18.19
CA ARG B 180 29.31 -4.62 17.46
C ARG B 180 30.62 -4.64 16.69
N SER B 181 30.54 -4.25 15.42
CA SER B 181 31.74 -4.11 14.62
C SER B 181 31.81 -2.71 14.04
N GLU B 182 32.97 -2.36 13.52
CA GLU B 182 33.13 -1.06 12.90
C GLU B 182 34.20 -1.21 11.84
N ARG B 183 33.90 -0.80 10.61
CA ARG B 183 34.88 -0.90 9.53
C ARG B 183 35.01 0.40 8.74
N PHE B 184 36.09 0.51 7.99
CA PHE B 184 36.17 1.51 6.93
C PHE B 184 35.75 0.85 5.64
N TYR B 185 35.12 1.63 4.77
CA TYR B 185 34.82 1.17 3.42
C TYR B 185 35.67 1.99 2.47
N GLU B 186 36.02 1.40 1.33
CA GLU B 186 36.88 2.08 0.37
C GLU B 186 36.17 3.30 -0.22
N CYS B 187 34.85 3.21 -0.31
CA CYS B 187 34.02 4.28 -0.81
C CYS B 187 34.15 5.59 -0.03
N CYS B 188 34.21 5.47 1.30
CA CYS B 188 33.94 6.62 2.17
C CYS B 188 35.05 6.98 3.16
N LYS B 189 34.98 8.20 3.67
CA LYS B 189 36.04 8.73 4.53
C LYS B 189 35.91 8.23 5.96
N GLU B 190 34.69 8.11 6.45
CA GLU B 190 34.45 7.80 7.85
C GLU B 190 34.06 6.35 8.04
N PRO B 191 34.36 5.78 9.23
CA PRO B 191 33.99 4.38 9.48
C PRO B 191 32.52 4.21 9.78
N TYR B 192 32.00 2.98 9.64
CA TYR B 192 30.61 2.66 9.95
C TYR B 192 30.50 1.52 10.96
N PRO B 193 29.62 1.66 11.97
CA PRO B 193 29.42 0.58 12.93
C PRO B 193 28.21 -0.28 12.54
N ASP B 194 28.21 -1.53 12.99
CA ASP B 194 27.02 -2.35 12.83
C ASP B 194 26.90 -3.28 14.04
N VAL B 195 25.69 -3.75 14.27
CA VAL B 195 25.47 -4.76 15.28
C VAL B 195 24.92 -6.01 14.62
N THR B 196 25.57 -7.14 14.88
CA THR B 196 25.16 -8.39 14.27
C THR B 196 24.67 -9.39 15.32
N PHE B 197 23.45 -9.88 15.13
CA PHE B 197 22.89 -10.95 15.96
C PHE B 197 23.02 -12.29 15.25
N THR B 198 23.71 -13.21 15.92
CA THR B 198 23.97 -14.51 15.35
C THR B 198 23.07 -15.50 16.06
N VAL B 199 22.26 -16.19 15.26
CA VAL B 199 21.26 -17.10 15.81
C VAL B 199 21.57 -18.49 15.31
N THR B 200 21.76 -19.42 16.25
CA THR B 200 21.91 -20.81 15.89
C THR B 200 20.68 -21.56 16.34
N PHE B 201 20.19 -22.44 15.49
CA PHE B 201 18.93 -23.12 15.76
C PHE B 201 18.83 -24.38 14.93
N ARG B 202 18.00 -25.31 15.38
CA ARG B 202 17.82 -26.55 14.67
C ARG B 202 16.37 -27.05 14.78
N LYS B 203 15.97 -27.90 13.85
CA LYS B 203 14.64 -28.51 13.92
C LYS B 203 14.59 -29.46 15.10
N LYS B 204 13.58 -29.32 15.94
CA LYS B 204 13.35 -30.25 17.04
C LYS B 204 13.20 -31.67 16.54
N GLY B 205 12.65 -31.82 15.33
CA GLY B 205 12.39 -33.14 14.73
C GLY B 205 13.37 -33.57 13.65
N ARG B 206 14.60 -33.05 13.72
CA ARG B 206 15.64 -33.30 12.72
C ARG B 206 16.05 -34.77 12.62
N SER B 207 15.87 -35.52 13.70
CA SER B 207 16.22 -36.94 13.69
C SER B 207 14.98 -37.80 13.42
N GLY C 1 22.21 18.62 13.57
CA GLY C 1 22.34 19.78 14.43
C GLY C 1 21.65 21.02 13.90
N GLU C 2 21.94 22.16 14.52
CA GLU C 2 21.32 23.43 14.16
C GLU C 2 21.73 23.93 12.77
N PHE C 3 22.96 23.60 12.38
CA PHE C 3 23.43 24.01 11.06
C PHE C 3 22.76 23.21 9.94
N GLN C 4 22.50 21.93 10.18
CA GLN C 4 21.78 21.10 9.20
C GLN C 4 20.34 21.56 9.09
N ARG C 5 19.73 21.82 10.25
CA ARG C 5 18.37 22.34 10.34
C ARG C 5 18.24 23.56 9.44
N LYS C 6 19.16 24.51 9.62
CA LYS C 6 19.19 25.71 8.79
C LYS C 6 19.49 25.38 7.32
N LEU C 7 20.37 24.40 7.09
CA LEU C 7 20.69 24.04 5.71
C LEU C 7 19.45 23.52 4.98
N TYR C 8 18.65 22.70 5.66
CA TYR C 8 17.45 22.13 5.06
C TYR C 8 16.42 23.21 4.70
N LYS C 9 16.23 24.18 5.59
CA LYS C 9 15.36 25.31 5.29
C LYS C 9 15.77 26.02 4.00
N GLU C 10 17.07 26.21 3.82
CA GLU C 10 17.57 26.92 2.63
C GLU C 10 17.40 26.14 1.34
N LEU C 11 17.85 24.90 1.32
CA LEU C 11 17.80 24.11 0.10
C LEU C 11 16.37 23.84 -0.36
N VAL C 12 15.44 23.76 0.58
CA VAL C 12 14.08 23.36 0.28
C VAL C 12 13.27 24.47 -0.39
N LYS C 13 13.76 25.71 -0.28
CA LYS C 13 12.99 26.92 -0.61
C LYS C 13 12.24 26.89 -1.94
N ASN C 14 12.98 26.78 -3.03
CA ASN C 14 12.35 26.76 -4.36
C ASN C 14 12.65 25.46 -5.06
N TYR C 15 12.93 24.42 -4.28
CA TYR C 15 13.35 23.17 -4.86
C TYR C 15 12.16 22.37 -5.39
N ASN C 16 12.26 21.92 -6.64
CA ASN C 16 11.20 21.11 -7.24
C ASN C 16 11.71 19.73 -7.62
N PRO C 17 11.29 18.70 -6.88
CA PRO C 17 11.85 17.38 -7.18
C PRO C 17 11.31 16.76 -8.47
N ASP C 18 10.34 17.42 -9.10
CA ASP C 18 9.88 16.94 -10.40
C ASP C 18 10.74 17.47 -11.58
N VAL C 19 11.62 18.42 -11.32
CA VAL C 19 12.41 19.01 -12.40
C VAL C 19 13.83 18.45 -12.46
N ILE C 20 14.20 17.87 -13.59
CA ILE C 20 15.55 17.37 -13.76
C ILE C 20 16.55 18.53 -13.69
N PRO C 21 17.57 18.39 -12.83
CA PRO C 21 18.52 19.47 -12.53
C PRO C 21 19.57 19.71 -13.64
N THR C 22 19.11 19.95 -14.86
CA THR C 22 20.01 20.30 -15.95
C THR C 22 20.41 21.76 -15.78
N GLN C 23 21.57 22.12 -16.32
CA GLN C 23 21.95 23.53 -16.40
C GLN C 23 22.58 23.81 -17.75
N ARG C 24 22.35 25.02 -18.26
CA ARG C 24 22.74 25.43 -19.61
C ARG C 24 22.70 24.30 -20.64
N ASP C 25 21.51 23.71 -20.78
CA ASP C 25 21.26 22.67 -21.77
C ASP C 25 22.29 21.54 -21.77
N ARG C 26 22.89 21.28 -20.62
CA ARG C 26 23.79 20.16 -20.47
C ARG C 26 23.09 19.05 -19.69
N PRO C 27 23.32 17.79 -20.10
CA PRO C 27 22.66 16.64 -19.46
C PRO C 27 23.11 16.39 -18.03
N VAL C 28 22.19 15.91 -17.20
CA VAL C 28 22.56 15.35 -15.90
C VAL C 28 23.19 14.00 -16.14
N THR C 29 24.44 13.85 -15.73
CA THR C 29 25.12 12.57 -15.86
C THR C 29 24.77 11.71 -14.66
N VAL C 30 24.27 10.50 -14.93
CA VAL C 30 23.86 9.57 -13.90
C VAL C 30 24.71 8.30 -13.99
N TYR C 31 25.46 8.01 -12.92
CA TYR C 31 26.32 6.83 -12.88
C TYR C 31 25.53 5.70 -12.25
N PHE C 32 25.72 4.51 -12.81
CA PHE C 32 24.82 3.42 -12.51
C PHE C 32 25.56 2.09 -12.52
N SER C 33 25.33 1.29 -11.49
CA SER C 33 25.91 -0.03 -11.45
C SER C 33 25.06 -0.94 -10.59
N LEU C 34 25.04 -2.22 -10.95
CA LEU C 34 24.27 -3.21 -10.24
C LEU C 34 25.22 -4.22 -9.62
N SER C 35 25.03 -4.53 -8.34
CA SER C 35 25.71 -5.68 -7.75
C SER C 35 24.67 -6.74 -7.44
N LEU C 36 24.81 -7.91 -8.08
CA LEU C 36 23.93 -9.04 -7.79
C LEU C 36 24.28 -9.65 -6.42
N LEU C 37 23.27 -9.80 -5.58
CA LEU C 37 23.47 -10.34 -4.24
C LEU C 37 23.01 -11.78 -4.15
N GLN C 38 21.80 -12.03 -4.62
CA GLN C 38 21.23 -13.37 -4.56
C GLN C 38 20.22 -13.61 -5.67
N ILE C 39 20.34 -14.77 -6.31
CA ILE C 39 19.26 -15.27 -7.15
C ILE C 39 18.32 -16.07 -6.24
N MET C 40 17.13 -15.51 -6.02
CA MET C 40 16.17 -16.10 -5.09
C MET C 40 15.45 -17.31 -5.65
N ASP C 41 15.13 -17.27 -6.94
CA ASP C 41 14.35 -18.33 -7.56
C ASP C 41 14.33 -18.20 -9.08
N VAL C 42 14.05 -19.30 -9.75
CA VAL C 42 13.79 -19.26 -11.18
C VAL C 42 12.51 -20.06 -11.46
N ASP C 43 11.68 -19.52 -12.34
CA ASP C 43 10.45 -20.17 -12.74
C ASP C 43 10.63 -20.65 -14.18
N GLU C 44 10.93 -21.93 -14.33
CA GLU C 44 11.24 -22.49 -15.65
C GLU C 44 10.00 -22.58 -16.53
N LYS C 45 8.83 -22.45 -15.92
CA LYS C 45 7.59 -22.54 -16.66
C LYS C 45 7.26 -21.18 -17.25
N ASN C 46 7.11 -20.19 -16.38
CA ASN C 46 6.72 -18.85 -16.81
C ASN C 46 7.91 -17.96 -17.18
N GLN C 47 9.10 -18.56 -17.25
CA GLN C 47 10.31 -17.88 -17.68
C GLN C 47 10.58 -16.58 -16.93
N VAL C 48 10.81 -16.71 -15.63
CA VAL C 48 11.01 -15.56 -14.77
C VAL C 48 12.18 -15.84 -13.85
N VAL C 49 12.98 -14.81 -13.57
CA VAL C 49 14.04 -14.92 -12.59
C VAL C 49 13.76 -13.93 -11.45
N ASP C 50 14.00 -14.38 -10.22
CA ASP C 50 13.74 -13.56 -9.03
C ASP C 50 15.09 -13.21 -8.39
N VAL C 51 15.42 -11.93 -8.34
CA VAL C 51 16.76 -11.52 -7.92
C VAL C 51 16.77 -10.42 -6.87
N VAL C 52 17.78 -10.48 -6.01
CA VAL C 52 18.06 -9.41 -5.06
C VAL C 52 19.38 -8.76 -5.47
N PHE C 53 19.37 -7.45 -5.63
CA PHE C 53 20.57 -6.75 -6.08
C PHE C 53 20.71 -5.37 -5.45
N TRP C 54 21.95 -4.88 -5.44
CA TRP C 54 22.29 -3.57 -4.91
C TRP C 54 22.53 -2.61 -6.10
N LEU C 55 21.75 -1.53 -6.19
CA LEU C 55 22.05 -0.49 -7.18
C LEU C 55 22.91 0.63 -6.58
N GLN C 56 23.95 1.00 -7.31
CA GLN C 56 24.71 2.21 -6.98
C GLN C 56 24.41 3.25 -8.02
N MET C 57 23.79 4.34 -7.60
CA MET C 57 23.48 5.42 -8.51
C MET C 57 23.92 6.75 -7.95
N SER C 58 24.51 7.57 -8.82
CA SER C 58 24.99 8.88 -8.42
C SER C 58 24.91 9.86 -9.59
N TRP C 59 24.71 11.12 -9.24
CA TRP C 59 24.61 12.20 -10.21
C TRP C 59 24.76 13.49 -9.42
N THR C 60 24.95 14.60 -10.11
CA THR C 60 25.04 15.89 -9.45
C THR C 60 23.74 16.67 -9.62
N ASP C 61 23.32 17.34 -8.55
CA ASP C 61 22.18 18.25 -8.57
C ASP C 61 22.70 19.61 -8.11
N HIS C 62 22.89 20.54 -9.05
CA HIS C 62 23.54 21.81 -8.70
C HIS C 62 22.69 22.68 -7.75
N TYR C 63 21.41 22.37 -7.63
CA TYR C 63 20.52 23.08 -6.71
C TYR C 63 20.71 22.67 -5.26
N LEU C 64 21.53 21.64 -5.03
CA LEU C 64 21.75 21.12 -3.69
C LEU C 64 23.16 21.36 -3.18
N GLN C 65 23.84 22.36 -3.70
CA GLN C 65 25.20 22.61 -3.25
C GLN C 65 25.26 23.71 -2.19
N TRP C 66 26.32 23.72 -1.39
CA TRP C 66 26.46 24.77 -0.38
C TRP C 66 27.93 24.95 0.01
N ASN C 67 28.22 26.05 0.69
CA ASN C 67 29.56 26.31 1.21
C ASN C 67 29.67 25.79 2.62
N VAL C 68 30.57 24.82 2.83
CA VAL C 68 30.74 24.23 4.16
C VAL C 68 31.15 25.29 5.20
N SER C 69 31.75 26.39 4.73
CA SER C 69 32.11 27.50 5.61
C SER C 69 30.86 28.20 6.16
N GLU C 70 29.79 28.19 5.38
CA GLU C 70 28.52 28.75 5.83
C GLU C 70 27.81 27.78 6.80
N TYR C 71 28.15 26.51 6.71
CA TYR C 71 27.49 25.50 7.53
C TYR C 71 28.53 24.55 8.10
N PRO C 72 29.33 25.06 9.06
CA PRO C 72 30.49 24.34 9.58
C PRO C 72 30.11 22.97 10.15
N GLY C 73 30.89 21.96 9.80
CA GLY C 73 30.60 20.61 10.21
C GLY C 73 29.75 19.86 9.19
N VAL C 74 28.98 20.59 8.40
CA VAL C 74 28.06 19.93 7.49
C VAL C 74 28.65 19.65 6.11
N LYS C 75 29.20 18.45 5.95
CA LYS C 75 29.84 18.04 4.70
C LYS C 75 28.90 17.22 3.82
N GLN C 76 28.03 16.45 4.46
CA GLN C 76 27.05 15.68 3.73
C GLN C 76 25.84 15.40 4.59
N VAL C 77 24.69 15.31 3.94
CA VAL C 77 23.44 15.12 4.63
C VAL C 77 22.68 13.93 4.07
N SER C 78 21.86 13.35 4.92
CA SER C 78 21.03 12.22 4.54
C SER C 78 19.61 12.72 4.27
N VAL C 79 19.10 12.49 3.05
CA VAL C 79 17.84 13.09 2.59
C VAL C 79 16.86 12.03 2.06
N PRO C 80 15.58 12.09 2.47
CA PRO C 80 14.60 11.18 1.88
C PRO C 80 14.54 11.39 0.38
N ILE C 81 14.54 10.31 -0.39
CA ILE C 81 14.60 10.48 -1.84
C ILE C 81 13.34 11.15 -2.36
N SER C 82 12.24 10.99 -1.64
CA SER C 82 10.99 11.61 -2.06
C SER C 82 11.12 13.13 -2.04
N SER C 83 12.16 13.66 -1.41
CA SER C 83 12.27 15.11 -1.33
C SER C 83 13.23 15.70 -2.36
N LEU C 84 13.83 14.84 -3.19
CA LEU C 84 14.68 15.34 -4.27
C LEU C 84 14.46 14.66 -5.63
N TRP C 85 14.98 15.27 -6.68
CA TRP C 85 14.88 14.68 -8.01
C TRP C 85 15.65 13.38 -8.06
N VAL C 86 15.06 12.37 -8.69
CA VAL C 86 15.76 11.11 -8.92
C VAL C 86 15.56 10.65 -10.35
N PRO C 87 16.59 10.02 -10.95
CA PRO C 87 16.42 9.44 -12.29
C PRO C 87 15.17 8.56 -12.36
N ASP C 88 14.42 8.67 -13.46
CA ASP C 88 13.28 7.81 -13.70
C ASP C 88 13.71 6.53 -14.40
N LEU C 89 14.63 5.80 -13.77
CA LEU C 89 15.12 4.55 -14.35
C LEU C 89 14.09 3.43 -14.29
N ALA C 90 13.82 2.83 -15.44
CA ALA C 90 12.88 1.72 -15.51
C ALA C 90 13.64 0.43 -15.69
N ALA C 91 13.13 -0.64 -15.11
CA ALA C 91 13.66 -1.96 -15.41
C ALA C 91 12.88 -2.49 -16.59
N TYR C 92 13.48 -2.45 -17.77
CA TYR C 92 12.77 -2.73 -19.03
C TYR C 92 12.01 -4.05 -19.05
N ASN C 93 12.61 -5.11 -18.50
CA ASN C 93 11.96 -6.42 -18.57
C ASN C 93 11.50 -6.97 -17.22
N ALA C 94 11.25 -6.06 -16.27
CA ALA C 94 10.62 -6.44 -15.02
C ALA C 94 9.20 -6.92 -15.26
N ILE C 95 8.76 -7.92 -14.48
CA ILE C 95 7.35 -8.33 -14.51
C ILE C 95 6.70 -8.14 -13.14
N SER C 96 7.44 -7.50 -12.23
CA SER C 96 6.90 -7.09 -10.93
C SER C 96 7.49 -5.73 -10.55
N LYS C 97 6.81 -5.03 -9.63
CA LYS C 97 7.33 -3.77 -9.13
C LYS C 97 8.57 -4.03 -8.26
N PRO C 98 9.47 -3.05 -8.17
CA PRO C 98 10.63 -3.30 -7.31
C PRO C 98 10.24 -3.27 -5.83
N GLU C 99 10.80 -4.19 -5.06
CA GLU C 99 10.63 -4.15 -3.62
C GLU C 99 11.96 -3.56 -3.07
N VAL C 100 11.91 -2.30 -2.63
CA VAL C 100 13.11 -1.67 -2.09
C VAL C 100 13.30 -2.10 -0.63
N LEU C 101 14.48 -2.67 -0.34
CA LEU C 101 14.72 -3.35 0.94
C LEU C 101 15.30 -2.45 2.04
N THR C 102 15.88 -1.34 1.61
CA THR C 102 16.70 -0.48 2.48
C THR C 102 16.02 0.87 2.69
N PRO C 103 16.42 1.63 3.73
CA PRO C 103 15.83 2.95 3.94
C PRO C 103 15.96 3.82 2.69
N GLN C 104 14.88 4.53 2.35
CA GLN C 104 14.82 5.30 1.12
C GLN C 104 15.45 6.67 1.32
N LEU C 105 16.74 6.68 1.59
CA LEU C 105 17.50 7.91 1.80
C LEU C 105 18.63 7.99 0.79
N ALA C 106 18.92 9.21 0.34
CA ALA C 106 20.13 9.45 -0.44
C ALA C 106 21.11 10.28 0.37
N LEU C 107 22.40 10.12 0.06
CA LEU C 107 23.46 10.96 0.59
C LEU C 107 23.79 12.14 -0.33
N VAL C 108 23.79 13.35 0.21
CA VAL C 108 24.13 14.51 -0.59
C VAL C 108 25.30 15.24 0.07
N ASN C 109 26.33 15.58 -0.68
CA ASN C 109 27.38 16.43 -0.12
C ASN C 109 27.29 17.85 -0.65
N SER C 110 28.22 18.68 -0.19
CA SER C 110 28.19 20.12 -0.43
C SER C 110 28.39 20.55 -1.89
N SER C 111 28.95 19.69 -2.72
CA SER C 111 29.07 20.01 -4.14
C SER C 111 27.86 19.51 -4.92
N GLY C 112 26.80 19.15 -4.18
CA GLY C 112 25.55 18.75 -4.78
C GLY C 112 25.53 17.31 -5.27
N HIS C 113 26.58 16.56 -5.00
CA HIS C 113 26.61 15.17 -5.45
C HIS C 113 25.68 14.28 -4.64
N VAL C 114 24.84 13.53 -5.34
CA VAL C 114 23.84 12.70 -4.71
C VAL C 114 24.22 11.25 -4.87
N GLN C 115 24.11 10.48 -3.79
CA GLN C 115 24.32 9.04 -3.86
C GLN C 115 23.11 8.31 -3.33
N TYR C 116 22.57 7.43 -4.17
CA TYR C 116 21.42 6.65 -3.81
C TYR C 116 21.76 5.19 -4.06
N LEU C 117 21.64 4.38 -3.01
CA LEU C 117 22.20 3.04 -3.04
C LEU C 117 21.19 1.98 -2.57
N PRO C 118 20.06 1.84 -3.27
CA PRO C 118 19.07 0.92 -2.70
C PRO C 118 19.40 -0.54 -2.93
N SER C 119 19.04 -1.39 -1.97
CA SER C 119 18.99 -2.82 -2.20
C SER C 119 17.57 -3.14 -2.67
N ILE C 120 17.45 -4.01 -3.67
CA ILE C 120 16.16 -4.23 -4.33
C ILE C 120 15.92 -5.71 -4.64
N ARG C 121 14.68 -6.16 -4.41
CA ARG C 121 14.24 -7.46 -4.90
C ARG C 121 13.22 -7.23 -6.00
N GLN C 122 13.33 -8.02 -7.07
CA GLN C 122 12.45 -7.82 -8.21
C GLN C 122 12.44 -9.04 -9.12
N ARG C 123 11.31 -9.27 -9.81
CA ARG C 123 11.28 -10.35 -10.80
C ARG C 123 11.37 -9.84 -12.24
N PHE C 124 12.04 -10.62 -13.09
CA PHE C 124 12.33 -10.22 -14.46
C PHE C 124 12.00 -11.35 -15.42
N SER C 125 11.63 -11.01 -16.64
CA SER C 125 11.41 -12.02 -17.65
C SER C 125 12.75 -12.49 -18.20
N CYS C 126 12.93 -13.80 -18.28
CA CYS C 126 14.19 -14.36 -18.73
C CYS C 126 13.99 -15.79 -19.20
N ASP C 127 14.69 -16.17 -20.28
CA ASP C 127 14.70 -17.58 -20.69
C ASP C 127 15.66 -18.35 -19.80
N VAL C 128 15.10 -19.03 -18.79
CA VAL C 128 15.89 -19.72 -17.78
C VAL C 128 16.01 -21.22 -18.02
N SER C 129 15.81 -21.65 -19.26
CA SER C 129 15.78 -23.06 -19.58
C SER C 129 17.17 -23.68 -19.69
N GLY C 130 18.20 -22.84 -19.66
CA GLY C 130 19.56 -23.34 -19.71
C GLY C 130 20.08 -23.60 -18.32
N VAL C 131 19.25 -23.32 -17.32
CA VAL C 131 19.68 -23.29 -15.93
C VAL C 131 20.28 -24.60 -15.42
N ASP C 132 20.02 -25.70 -16.11
CA ASP C 132 20.56 -26.99 -15.71
C ASP C 132 21.79 -27.40 -16.52
N THR C 133 22.00 -26.75 -17.66
CA THR C 133 23.13 -27.06 -18.51
C THR C 133 24.41 -26.41 -17.98
N GLU C 134 25.55 -26.90 -18.46
CA GLU C 134 26.84 -26.30 -18.13
C GLU C 134 26.94 -24.91 -18.74
N SER C 135 26.27 -24.71 -19.86
CA SER C 135 26.15 -23.39 -20.46
C SER C 135 25.48 -22.46 -19.48
N GLY C 136 24.42 -22.96 -18.85
CA GLY C 136 23.67 -22.19 -17.86
C GLY C 136 22.66 -21.28 -18.53
N ALA C 137 21.84 -20.62 -17.71
CA ALA C 137 20.91 -19.62 -18.21
C ALA C 137 21.58 -18.25 -18.30
N THR C 138 21.12 -17.43 -19.22
CA THR C 138 21.60 -16.08 -19.34
C THR C 138 20.43 -15.11 -19.27
N CYS C 139 20.48 -14.21 -18.29
CA CYS C 139 19.41 -13.26 -18.05
C CYS C 139 19.97 -11.85 -18.17
N LYS C 140 19.17 -10.96 -18.75
CA LYS C 140 19.59 -9.58 -18.98
C LYS C 140 18.71 -8.66 -18.16
N LEU C 141 19.33 -7.85 -17.32
CA LEU C 141 18.60 -6.89 -16.54
C LEU C 141 18.87 -5.52 -17.16
N LYS C 142 17.87 -4.98 -17.84
CA LYS C 142 18.04 -3.78 -18.65
C LYS C 142 17.40 -2.59 -17.95
N PHE C 143 18.17 -1.55 -17.72
CA PHE C 143 17.64 -0.36 -17.06
C PHE C 143 17.94 0.86 -17.89
N GLY C 144 17.04 1.83 -17.85
CA GLY C 144 17.22 3.11 -18.48
C GLY C 144 16.10 4.09 -18.16
N SER C 145 16.27 5.35 -18.55
CA SER C 145 15.28 6.39 -18.30
C SER C 145 14.05 6.13 -19.15
N TRP C 146 12.89 6.23 -18.54
CA TRP C 146 11.64 6.04 -19.27
C TRP C 146 11.28 7.29 -20.08
N THR C 147 11.62 8.47 -19.58
CA THR C 147 11.17 9.70 -20.22
C THR C 147 12.25 10.71 -20.63
N HIS C 148 13.52 10.43 -20.36
CA HIS C 148 14.57 11.39 -20.69
C HIS C 148 15.58 10.82 -21.69
N HIS C 149 15.82 11.55 -22.77
CA HIS C 149 16.82 11.12 -23.73
C HIS C 149 18.26 11.46 -23.28
N SER C 150 19.23 10.98 -24.06
CA SER C 150 20.66 11.23 -23.84
C SER C 150 21.05 12.67 -23.55
N ARG C 151 20.35 13.62 -24.14
CA ARG C 151 20.77 15.01 -23.98
C ARG C 151 20.21 15.66 -22.72
N GLU C 152 19.34 14.93 -22.02
CA GLU C 152 18.79 15.41 -20.76
C GLU C 152 19.37 14.59 -19.61
N LEU C 153 19.42 13.28 -19.82
CA LEU C 153 19.90 12.36 -18.81
C LEU C 153 20.95 11.46 -19.44
N ASP C 154 22.20 11.66 -19.03
CA ASP C 154 23.30 10.89 -19.59
C ASP C 154 23.65 9.75 -18.66
N LEU C 155 23.04 8.60 -18.93
CA LEU C 155 23.26 7.41 -18.13
C LEU C 155 24.60 6.79 -18.50
N GLN C 156 25.46 6.58 -17.49
CA GLN C 156 26.76 5.97 -17.68
C GLN C 156 26.90 4.87 -16.63
N MET C 157 27.64 3.83 -16.95
CA MET C 157 27.85 2.78 -15.95
C MET C 157 29.19 2.95 -15.26
N GLN C 158 29.30 2.38 -14.06
CA GLN C 158 30.57 2.31 -13.36
C GLN C 158 30.88 0.85 -13.05
N GLU C 159 32.13 0.57 -12.67
CA GLU C 159 32.60 -0.82 -12.49
C GLU C 159 31.63 -1.75 -11.73
N ALA C 160 31.51 -2.97 -12.23
CA ALA C 160 30.58 -3.97 -11.72
C ALA C 160 31.13 -4.69 -10.49
N ASP C 161 30.23 -5.24 -9.68
CA ASP C 161 30.63 -5.85 -8.41
C ASP C 161 29.98 -7.21 -8.14
N ILE C 162 30.81 -8.22 -7.88
CA ILE C 162 30.37 -9.60 -7.68
C ILE C 162 30.71 -10.08 -6.26
N SER C 163 31.55 -9.31 -5.58
CA SER C 163 32.03 -9.67 -4.24
C SER C 163 30.90 -9.91 -3.23
N GLY C 164 29.74 -9.30 -3.49
CA GLY C 164 28.61 -9.37 -2.58
C GLY C 164 27.69 -10.56 -2.75
N TYR C 165 27.88 -11.31 -3.84
CA TYR C 165 27.03 -12.45 -4.15
C TYR C 165 27.15 -13.57 -3.09
N ILE C 166 26.02 -14.00 -2.53
CA ILE C 166 26.10 -14.99 -1.46
C ILE C 166 26.63 -16.32 -1.98
N PRO C 167 27.56 -16.93 -1.23
CA PRO C 167 28.22 -18.17 -1.64
C PRO C 167 27.37 -19.42 -1.47
N TYR C 168 26.35 -19.37 -0.62
CA TYR C 168 25.61 -20.57 -0.26
C TYR C 168 24.31 -20.79 -1.06
N SER C 169 24.10 -20.01 -2.12
CA SER C 169 22.94 -20.21 -2.98
C SER C 169 23.05 -21.54 -3.74
N ARG C 170 21.94 -22.02 -4.30
CA ARG C 170 21.96 -23.26 -5.10
C ARG C 170 22.29 -22.95 -6.54
N PHE C 171 22.42 -21.66 -6.86
CA PHE C 171 22.86 -21.24 -8.18
C PHE C 171 24.30 -20.71 -8.11
N GLU C 172 25.16 -21.24 -8.97
CA GLU C 172 26.52 -20.69 -9.08
C GLU C 172 26.63 -19.64 -10.19
N LEU C 173 27.31 -18.55 -9.84
CA LEU C 173 27.49 -17.41 -10.73
C LEU C 173 28.72 -17.63 -11.60
N VAL C 174 28.49 -17.82 -12.91
CA VAL C 174 29.59 -18.13 -13.82
C VAL C 174 30.16 -16.87 -14.49
N GLY C 175 29.30 -15.88 -14.70
CA GLY C 175 29.72 -14.64 -15.34
C GLY C 175 28.67 -13.54 -15.25
N VAL C 176 29.16 -12.31 -15.11
CA VAL C 176 28.31 -11.14 -15.13
C VAL C 176 28.97 -10.05 -15.96
N THR C 177 28.24 -9.49 -16.92
CA THR C 177 28.76 -8.38 -17.73
C THR C 177 27.82 -7.19 -17.75
N GLN C 178 28.36 -6.03 -18.09
CA GLN C 178 27.63 -4.79 -18.13
C GLN C 178 27.99 -4.06 -19.42
N LYS C 179 27.00 -3.39 -20.02
CA LYS C 179 27.29 -2.55 -21.17
C LYS C 179 26.27 -1.44 -21.33
N ARG C 180 26.69 -0.34 -21.94
CA ARG C 180 25.83 0.80 -22.21
C ARG C 180 25.48 0.81 -23.68
N SER C 181 24.18 0.84 -23.97
CA SER C 181 23.69 0.98 -25.34
C SER C 181 22.91 2.28 -25.47
N GLU C 182 22.81 2.77 -26.70
CA GLU C 182 21.94 3.88 -27.05
C GLU C 182 21.00 3.37 -28.11
N ARG C 183 19.70 3.50 -27.87
CA ARG C 183 18.73 3.02 -28.82
C ARG C 183 17.86 4.16 -29.36
N PHE C 184 17.50 4.07 -30.63
CA PHE C 184 16.66 5.07 -31.26
C PHE C 184 15.25 4.52 -31.48
N TYR C 185 14.26 5.38 -31.30
CA TYR C 185 12.87 5.00 -31.52
C TYR C 185 12.26 5.94 -32.55
N GLU C 186 11.32 5.43 -33.34
CA GLU C 186 10.71 6.20 -34.43
C GLU C 186 10.17 7.55 -33.97
N CYS C 187 9.77 7.62 -32.72
CA CYS C 187 9.19 8.83 -32.13
C CYS C 187 10.15 10.02 -32.15
N CYS C 188 11.41 9.77 -31.84
CA CYS C 188 12.33 10.84 -31.48
C CYS C 188 13.63 10.82 -32.29
N LYS C 189 14.28 11.97 -32.35
CA LYS C 189 15.56 12.08 -33.04
C LYS C 189 16.74 11.86 -32.09
N GLU C 190 16.47 11.96 -30.79
CA GLU C 190 17.50 11.77 -29.77
C GLU C 190 17.47 10.32 -29.28
N PRO C 191 18.66 9.75 -28.99
CA PRO C 191 18.73 8.37 -28.47
C PRO C 191 18.35 8.27 -26.99
N TYR C 192 17.88 7.09 -26.59
CA TYR C 192 17.69 6.78 -25.17
C TYR C 192 18.71 5.74 -24.70
N PRO C 193 19.56 6.12 -23.75
CA PRO C 193 20.59 5.19 -23.29
C PRO C 193 20.06 4.20 -22.26
N ASP C 194 20.61 3.00 -22.28
CA ASP C 194 20.27 1.99 -21.29
C ASP C 194 21.50 1.21 -20.84
N VAL C 195 21.49 0.80 -19.58
CA VAL C 195 22.55 -0.07 -19.09
C VAL C 195 22.00 -1.46 -18.84
N THR C 196 22.63 -2.46 -19.47
CA THR C 196 22.18 -3.83 -19.38
C THR C 196 23.18 -4.67 -18.58
N PHE C 197 22.68 -5.38 -17.57
CA PHE C 197 23.52 -6.29 -16.80
C PHE C 197 23.18 -7.73 -17.15
N THR C 198 24.18 -8.45 -17.62
CA THR C 198 23.95 -9.79 -18.14
C THR C 198 24.50 -10.83 -17.19
N VAL C 199 23.61 -11.61 -16.59
CA VAL C 199 24.00 -12.61 -15.61
C VAL C 199 23.93 -14.01 -16.21
N THR C 200 25.03 -14.75 -16.10
CA THR C 200 25.02 -16.15 -16.49
C THR C 200 25.20 -17.03 -15.24
N PHE C 201 24.26 -17.95 -15.01
CA PHE C 201 24.27 -18.77 -13.81
C PHE C 201 23.73 -20.18 -14.07
N ARG C 202 24.01 -21.09 -13.15
CA ARG C 202 23.55 -22.48 -13.30
C ARG C 202 23.37 -23.16 -11.95
N LYS C 203 22.59 -24.23 -11.93
CA LYS C 203 22.37 -24.98 -10.70
C LYS C 203 23.64 -25.72 -10.35
N LYS C 204 23.97 -25.75 -9.05
CA LYS C 204 25.17 -26.44 -8.61
C LYS C 204 24.97 -27.95 -8.70
N GLY C 205 26.00 -28.66 -9.15
CA GLY C 205 25.93 -30.10 -9.31
C GLY C 205 25.18 -30.50 -10.57
N GLY D 1 16.51 22.74 -14.89
CA GLY D 1 16.90 24.07 -15.34
C GLY D 1 15.95 25.15 -14.83
N GLU D 2 16.40 26.40 -14.94
CA GLU D 2 15.65 27.54 -14.41
C GLU D 2 14.36 27.78 -15.17
N PHE D 3 14.37 27.55 -16.47
CA PHE D 3 13.16 27.78 -17.24
C PHE D 3 12.13 26.66 -17.04
N GLN D 4 12.60 25.42 -16.82
CA GLN D 4 11.69 24.32 -16.54
C GLN D 4 10.98 24.58 -15.21
N ARG D 5 11.76 25.08 -14.26
CA ARG D 5 11.28 25.38 -12.93
C ARG D 5 10.25 26.50 -12.95
N LYS D 6 10.47 27.49 -13.80
CA LYS D 6 9.51 28.58 -13.92
C LYS D 6 8.27 28.08 -14.65
N LEU D 7 8.47 27.20 -15.62
CA LEU D 7 7.36 26.60 -16.35
C LEU D 7 6.43 25.82 -15.40
N TYR D 8 6.99 25.01 -14.51
CA TYR D 8 6.18 24.29 -13.52
C TYR D 8 5.38 25.22 -12.62
N LYS D 9 6.04 26.24 -12.07
CA LYS D 9 5.35 27.23 -11.25
C LYS D 9 4.14 27.81 -12.00
N GLU D 10 4.33 28.15 -13.26
CA GLU D 10 3.28 28.78 -14.04
C GLU D 10 2.10 27.86 -14.29
N LEU D 11 2.38 26.67 -14.83
CA LEU D 11 1.32 25.72 -15.12
C LEU D 11 0.53 25.34 -13.88
N VAL D 12 1.21 24.97 -12.80
CA VAL D 12 0.57 24.54 -11.55
C VAL D 12 -0.49 25.52 -11.06
N LYS D 13 -0.20 26.81 -11.24
CA LYS D 13 -1.02 27.89 -10.68
C LYS D 13 -2.50 27.79 -11.03
N ASN D 14 -2.82 27.51 -12.28
CA ASN D 14 -4.22 27.42 -12.69
C ASN D 14 -4.67 26.05 -13.13
N TYR D 15 -3.77 25.08 -13.11
CA TYR D 15 -4.12 23.80 -13.65
C TYR D 15 -4.99 22.96 -12.69
N ASN D 16 -6.00 22.30 -13.25
CA ASN D 16 -6.85 21.41 -12.45
C ASN D 16 -6.90 20.04 -13.11
N PRO D 17 -6.20 19.07 -12.51
CA PRO D 17 -6.09 17.73 -13.11
C PRO D 17 -7.40 16.95 -13.05
N ASP D 18 -8.43 17.53 -12.44
CA ASP D 18 -9.72 16.86 -12.37
C ASP D 18 -10.65 17.28 -13.51
N VAL D 19 -10.28 18.32 -14.24
CA VAL D 19 -11.10 18.81 -15.34
C VAL D 19 -10.67 18.25 -16.69
N ILE D 20 -11.56 17.55 -17.38
CA ILE D 20 -11.27 17.06 -18.71
C ILE D 20 -11.05 18.26 -19.67
N PRO D 21 -9.97 18.23 -20.47
CA PRO D 21 -9.67 19.39 -21.32
C PRO D 21 -10.45 19.46 -22.64
N THR D 22 -11.78 19.47 -22.53
CA THR D 22 -12.62 19.60 -23.71
C THR D 22 -12.72 21.09 -24.01
N GLN D 23 -13.22 21.43 -25.19
CA GLN D 23 -13.73 22.79 -25.38
C GLN D 23 -15.10 22.67 -26.01
N ARG D 24 -15.84 23.78 -26.02
CA ARG D 24 -17.18 23.79 -26.61
C ARG D 24 -17.18 23.10 -27.96
N ASP D 25 -17.97 22.03 -28.07
CA ASP D 25 -18.09 21.24 -29.32
C ASP D 25 -16.83 20.48 -29.73
N ARG D 26 -15.89 20.29 -28.82
CA ARG D 26 -14.68 19.53 -29.14
C ARG D 26 -14.35 18.56 -28.02
N PRO D 27 -14.46 17.26 -28.29
CA PRO D 27 -14.03 16.25 -27.31
C PRO D 27 -12.51 16.22 -27.21
N VAL D 28 -11.99 15.52 -26.21
CA VAL D 28 -10.56 15.24 -26.14
C VAL D 28 -10.36 13.92 -26.82
N THR D 29 -9.60 13.95 -27.91
CA THR D 29 -9.28 12.76 -28.66
C THR D 29 -8.17 12.06 -27.90
N VAL D 30 -8.35 10.78 -27.62
CA VAL D 30 -7.34 10.00 -26.92
C VAL D 30 -6.91 8.83 -27.78
N TYR D 31 -5.63 8.78 -28.12
CA TYR D 31 -5.10 7.70 -28.94
C TYR D 31 -4.60 6.59 -28.03
N PHE D 32 -4.84 5.35 -28.44
CA PHE D 32 -4.64 4.20 -27.54
C PHE D 32 -4.20 2.98 -28.36
N SER D 33 -3.22 2.26 -27.84
CA SER D 33 -2.81 0.98 -28.43
C SER D 33 -2.18 0.08 -27.37
N LEU D 34 -2.22 -1.23 -27.59
CA LEU D 34 -1.70 -2.19 -26.64
C LEU D 34 -0.72 -3.08 -27.37
N SER D 35 0.46 -3.27 -26.77
CA SER D 35 1.46 -4.19 -27.30
C SER D 35 1.66 -5.29 -26.27
N LEU D 36 1.28 -6.52 -26.62
CA LEU D 36 1.42 -7.64 -25.70
C LEU D 36 2.90 -8.03 -25.60
N LEU D 37 3.43 -8.03 -24.37
CA LEU D 37 4.83 -8.37 -24.16
C LEU D 37 4.95 -9.83 -23.70
N GLN D 38 3.99 -10.27 -22.91
CA GLN D 38 4.02 -11.63 -22.39
C GLN D 38 2.70 -12.09 -21.78
N ILE D 39 2.38 -13.36 -22.01
CA ILE D 39 1.32 -14.04 -21.28
C ILE D 39 1.98 -14.79 -20.12
N MET D 40 1.77 -14.31 -18.91
CA MET D 40 2.44 -14.80 -17.74
C MET D 40 1.91 -16.16 -17.32
N ASP D 41 0.60 -16.31 -17.38
CA ASP D 41 -0.03 -17.54 -16.94
C ASP D 41 -1.46 -17.63 -17.43
N VAL D 42 -1.96 -18.85 -17.56
CA VAL D 42 -3.38 -19.05 -17.77
C VAL D 42 -3.92 -19.94 -16.66
N ASP D 43 -5.10 -19.58 -16.17
CA ASP D 43 -5.74 -20.33 -15.10
C ASP D 43 -6.96 -21.03 -15.70
N GLU D 44 -6.78 -22.28 -16.10
CA GLU D 44 -7.81 -23.01 -16.83
C GLU D 44 -9.00 -23.40 -15.96
N LYS D 45 -8.84 -23.32 -14.65
CA LYS D 45 -9.92 -23.67 -13.73
C LYS D 45 -10.83 -22.47 -13.50
N ASN D 46 -10.22 -21.31 -13.21
CA ASN D 46 -10.96 -20.09 -12.88
C ASN D 46 -11.17 -19.16 -14.07
N GLN D 47 -10.63 -19.54 -15.22
CA GLN D 47 -10.79 -18.79 -16.45
C GLN D 47 -10.16 -17.40 -16.35
N VAL D 48 -8.84 -17.36 -16.17
CA VAL D 48 -8.14 -16.09 -16.04
C VAL D 48 -6.90 -16.11 -16.93
N VAL D 49 -6.61 -14.99 -17.56
CA VAL D 49 -5.31 -14.86 -18.23
C VAL D 49 -4.54 -13.76 -17.53
N ASP D 50 -3.23 -13.97 -17.35
CA ASP D 50 -2.35 -13.03 -16.66
C ASP D 50 -1.38 -12.51 -17.68
N VAL D 51 -1.45 -11.22 -17.97
CA VAL D 51 -0.67 -10.68 -19.08
C VAL D 51 0.16 -9.46 -18.69
N VAL D 52 1.29 -9.32 -19.37
CA VAL D 52 2.08 -8.11 -19.31
C VAL D 52 2.01 -7.43 -20.66
N PHE D 53 1.74 -6.14 -20.67
CA PHE D 53 1.60 -5.40 -21.92
C PHE D 53 2.02 -3.93 -21.78
N TRP D 54 2.35 -3.33 -22.91
CA TRP D 54 2.71 -1.92 -22.95
C TRP D 54 1.55 -1.12 -23.57
N LEU D 55 1.01 -0.18 -22.81
CA LEU D 55 0.02 0.76 -23.36
C LEU D 55 0.70 2.01 -23.87
N GLN D 56 0.30 2.43 -25.07
CA GLN D 56 0.64 3.74 -25.57
C GLN D 56 -0.61 4.60 -25.61
N MET D 57 -0.61 5.66 -24.80
CA MET D 57 -1.75 6.58 -24.74
C MET D 57 -1.28 8.01 -24.97
N SER D 58 -2.00 8.73 -25.82
CA SER D 58 -1.70 10.15 -26.00
C SER D 58 -2.98 10.96 -26.21
N TRP D 59 -2.88 12.24 -25.90
CA TRP D 59 -3.99 13.17 -26.06
C TRP D 59 -3.40 14.56 -25.93
N THR D 60 -4.18 15.57 -26.28
CA THR D 60 -3.74 16.95 -26.09
C THR D 60 -4.51 17.63 -24.98
N ASP D 61 -3.78 18.30 -24.10
CA ASP D 61 -4.37 19.04 -23.00
C ASP D 61 -3.95 20.48 -23.21
N HIS D 62 -4.81 21.24 -23.85
CA HIS D 62 -4.48 22.60 -24.28
C HIS D 62 -4.07 23.50 -23.11
N TYR D 63 -4.43 23.10 -21.90
CA TYR D 63 -4.10 23.85 -20.69
C TYR D 63 -2.64 23.67 -20.30
N LEU D 64 -1.98 22.66 -20.88
CA LEU D 64 -0.56 22.41 -20.61
C LEU D 64 0.38 23.02 -21.66
N GLN D 65 -0.14 23.84 -22.55
CA GLN D 65 0.71 24.41 -23.61
C GLN D 65 1.51 25.58 -23.06
N TRP D 66 2.63 25.89 -23.72
CA TRP D 66 3.38 27.10 -23.39
C TRP D 66 4.11 27.64 -24.61
N ASN D 67 4.51 28.92 -24.53
CA ASN D 67 5.26 29.53 -25.61
C ASN D 67 6.75 29.25 -25.44
N VAL D 68 7.34 28.55 -26.40
CA VAL D 68 8.74 28.16 -26.32
C VAL D 68 9.71 29.35 -26.21
N SER D 69 9.32 30.52 -26.72
CA SER D 69 10.20 31.68 -26.58
C SER D 69 10.21 32.22 -25.14
N GLU D 70 9.11 32.04 -24.41
CA GLU D 70 9.06 32.38 -23.00
C GLU D 70 9.89 31.40 -22.17
N TYR D 71 10.17 30.23 -22.74
CA TYR D 71 10.94 29.21 -22.04
C TYR D 71 11.91 28.56 -23.02
N PRO D 72 12.98 29.27 -23.41
CA PRO D 72 13.93 28.75 -24.39
C PRO D 72 14.59 27.47 -23.88
N GLY D 73 14.88 26.54 -24.79
CA GLY D 73 15.46 25.27 -24.42
C GLY D 73 14.43 24.21 -24.04
N VAL D 74 13.26 24.63 -23.60
CA VAL D 74 12.25 23.69 -23.09
C VAL D 74 11.24 23.25 -24.16
N LYS D 75 11.44 22.07 -24.72
CA LYS D 75 10.55 21.58 -25.76
C LYS D 75 9.56 20.58 -25.18
N GLN D 76 9.96 19.90 -24.11
CA GLN D 76 9.12 18.92 -23.47
C GLN D 76 9.56 18.69 -22.04
N VAL D 77 8.64 18.25 -21.19
CA VAL D 77 8.97 17.98 -19.80
C VAL D 77 8.34 16.67 -19.34
N SER D 78 9.00 16.04 -18.36
N SER D 78 9.00 16.01 -18.38
CA SER D 78 8.51 14.80 -17.76
CA SER D 78 8.47 14.78 -17.77
C SER D 78 7.70 15.14 -16.51
C SER D 78 7.69 15.14 -16.52
N VAL D 79 6.46 14.69 -16.47
CA VAL D 79 5.52 15.13 -15.45
C VAL D 79 4.90 13.92 -14.77
N PRO D 80 4.81 13.93 -13.44
CA PRO D 80 4.11 12.78 -12.81
C PRO D 80 2.65 12.75 -13.24
N ILE D 81 2.16 11.57 -13.64
N ILE D 81 2.19 11.55 -13.56
CA ILE D 81 0.79 11.49 -14.14
CA ILE D 81 0.86 11.30 -14.09
C ILE D 81 -0.21 12.00 -13.10
C ILE D 81 -0.25 11.70 -13.10
N SER D 82 0.10 11.81 -11.83
CA SER D 82 -0.81 12.27 -10.78
C SER D 82 -1.02 13.78 -10.74
N SER D 83 -0.18 14.53 -11.45
N SER D 83 -0.17 14.52 -11.46
CA SER D 83 -0.35 15.99 -11.49
CA SER D 83 -0.29 15.98 -11.52
C SER D 83 -1.17 16.47 -12.69
C SER D 83 -1.16 16.46 -12.70
N LEU D 84 -1.53 15.55 -13.58
CA LEU D 84 -2.32 15.92 -14.75
C LEU D 84 -3.60 15.13 -14.97
N TRP D 85 -4.51 15.70 -15.75
CA TRP D 85 -5.71 14.99 -16.14
C TRP D 85 -5.28 13.80 -16.97
N VAL D 86 -5.87 12.64 -16.70
CA VAL D 86 -5.57 11.43 -17.44
C VAL D 86 -6.90 10.77 -17.85
N PRO D 87 -6.98 10.21 -19.06
CA PRO D 87 -8.21 9.50 -19.45
C PRO D 87 -8.56 8.43 -18.41
N ASP D 88 -9.83 8.25 -18.06
CA ASP D 88 -10.21 7.23 -17.07
C ASP D 88 -10.48 5.90 -17.76
N LEU D 89 -9.49 5.39 -18.47
CA LEU D 89 -9.67 4.15 -19.19
C LEU D 89 -9.74 3.01 -18.19
N ALA D 90 -10.76 2.17 -18.37
CA ALA D 90 -10.95 1.03 -17.50
C ALA D 90 -10.74 -0.20 -18.35
N ALA D 91 -10.21 -1.25 -17.72
CA ALA D 91 -10.22 -2.57 -18.34
C ALA D 91 -11.53 -3.26 -17.94
N TYR D 92 -12.42 -3.40 -18.92
CA TYR D 92 -13.78 -3.87 -18.71
C TYR D 92 -13.85 -5.24 -18.03
N ASN D 93 -13.03 -6.16 -18.51
CA ASN D 93 -13.05 -7.52 -17.98
C ASN D 93 -11.81 -7.88 -17.13
N ALA D 94 -11.14 -6.89 -16.57
CA ALA D 94 -10.06 -7.16 -15.62
C ALA D 94 -10.60 -7.72 -14.30
N ILE D 95 -9.95 -8.76 -13.79
CA ILE D 95 -10.29 -9.27 -12.45
C ILE D 95 -9.23 -8.94 -11.39
N SER D 96 -8.23 -8.14 -11.78
CA SER D 96 -7.32 -7.57 -10.79
C SER D 96 -6.98 -6.11 -11.12
N LYS D 97 -6.48 -5.37 -10.14
CA LYS D 97 -5.97 -4.03 -10.36
C LYS D 97 -4.75 -4.08 -11.29
N PRO D 98 -4.53 -3.01 -12.08
CA PRO D 98 -3.30 -2.98 -12.89
C PRO D 98 -2.08 -2.73 -12.01
N GLU D 99 -1.05 -3.53 -12.22
CA GLU D 99 0.22 -3.33 -11.57
C GLU D 99 1.11 -2.59 -12.58
N VAL D 100 1.31 -1.29 -12.36
CA VAL D 100 2.14 -0.51 -13.28
C VAL D 100 3.63 -0.77 -13.03
N LEU D 101 4.36 -1.17 -14.07
CA LEU D 101 5.74 -1.66 -13.92
C LEU D 101 6.80 -0.61 -14.20
N THR D 102 6.37 0.56 -14.68
CA THR D 102 7.30 1.57 -15.14
C THR D 102 7.04 2.88 -14.40
N PRO D 103 8.00 3.83 -14.43
CA PRO D 103 7.79 5.12 -13.76
C PRO D 103 6.51 5.80 -14.20
N GLN D 104 5.73 6.28 -13.23
CA GLN D 104 4.43 6.89 -13.55
C GLN D 104 4.58 8.36 -13.97
N LEU D 105 5.20 8.52 -15.15
CA LEU D 105 5.49 9.82 -15.71
C LEU D 105 4.98 9.85 -17.13
N ALA D 106 4.50 11.01 -17.53
CA ALA D 106 4.14 11.27 -18.92
C ALA D 106 5.06 12.34 -19.52
N LEU D 107 5.23 12.29 -20.84
CA LEU D 107 5.93 13.34 -21.58
C LEU D 107 4.91 14.37 -22.09
N VAL D 108 5.17 15.65 -21.81
CA VAL D 108 4.30 16.73 -22.29
C VAL D 108 5.13 17.69 -23.12
N ASN D 109 4.67 18.02 -24.32
CA ASN D 109 5.37 19.05 -25.07
C ASN D 109 4.64 20.37 -25.08
N SER D 110 5.22 21.35 -25.76
CA SER D 110 4.79 22.74 -25.65
C SER D 110 3.42 23.01 -26.23
N SER D 111 2.89 22.07 -27.02
CA SER D 111 1.53 22.18 -27.57
C SER D 111 0.52 21.66 -26.56
N GLY D 112 1.02 21.03 -25.50
CA GLY D 112 0.17 20.39 -24.52
C GLY D 112 -0.12 18.94 -24.88
N HIS D 113 0.64 18.39 -25.82
CA HIS D 113 0.46 16.98 -26.17
C HIS D 113 1.13 16.08 -25.14
N VAL D 114 0.31 15.24 -24.54
CA VAL D 114 0.73 14.36 -23.45
C VAL D 114 0.91 12.96 -23.97
N GLN D 115 2.07 12.37 -23.69
CA GLN D 115 2.29 10.96 -23.98
C GLN D 115 2.57 10.13 -22.71
N TYR D 116 1.75 9.12 -22.49
CA TYR D 116 1.88 8.25 -21.33
C TYR D 116 1.97 6.81 -21.80
N LEU D 117 3.07 6.14 -21.47
CA LEU D 117 3.41 4.85 -22.07
C LEU D 117 3.69 3.74 -21.03
N PRO D 118 2.73 3.47 -20.15
CA PRO D 118 3.01 2.53 -19.05
C PRO D 118 3.13 1.08 -19.48
N SER D 119 4.04 0.37 -18.82
CA SER D 119 4.08 -1.09 -18.85
C SER D 119 3.20 -1.63 -17.73
N ILE D 120 2.39 -2.63 -18.03
CA ILE D 120 1.36 -3.06 -17.07
C ILE D 120 1.22 -4.57 -17.00
N ARG D 121 1.09 -5.08 -15.79
CA ARG D 121 0.70 -6.47 -15.58
C ARG D 121 -0.70 -6.52 -14.96
N GLN D 122 -1.59 -7.27 -15.60
CA GLN D 122 -2.99 -7.34 -15.16
C GLN D 122 -3.62 -8.70 -15.51
N ARG D 123 -4.55 -9.14 -14.68
CA ARG D 123 -5.25 -10.40 -14.91
C ARG D 123 -6.67 -10.14 -15.41
N PHE D 124 -7.10 -10.93 -16.41
CA PHE D 124 -8.39 -10.74 -17.05
C PHE D 124 -9.22 -12.01 -17.05
N SER D 125 -10.54 -11.82 -17.05
CA SER D 125 -11.45 -12.94 -17.21
C SER D 125 -11.42 -13.33 -18.66
N CYS D 126 -11.25 -14.62 -18.93
CA CYS D 126 -11.12 -15.07 -20.30
C CYS D 126 -11.40 -16.57 -20.34
N ASP D 127 -12.02 -17.03 -21.41
CA ASP D 127 -12.21 -18.48 -21.58
C ASP D 127 -10.97 -19.07 -22.23
N VAL D 128 -10.13 -19.71 -21.43
CA VAL D 128 -8.85 -20.22 -21.93
C VAL D 128 -8.89 -21.73 -22.14
N SER D 129 -10.08 -22.30 -22.18
CA SER D 129 -10.24 -23.75 -22.28
C SER D 129 -9.74 -24.33 -23.60
N GLY D 130 -9.47 -23.47 -24.57
CA GLY D 130 -8.97 -23.91 -25.87
C GLY D 130 -7.46 -23.74 -26.03
N VAL D 131 -6.79 -23.35 -24.95
CA VAL D 131 -5.37 -23.00 -25.01
C VAL D 131 -4.43 -24.14 -25.42
N ASP D 132 -4.84 -25.38 -25.14
CA ASP D 132 -4.00 -26.52 -25.50
C ASP D 132 -4.35 -27.05 -26.89
N THR D 133 -5.35 -26.45 -27.51
CA THR D 133 -5.85 -26.95 -28.78
C THR D 133 -5.16 -26.32 -29.98
N GLU D 134 -5.62 -26.72 -31.16
CA GLU D 134 -5.12 -26.24 -32.44
C GLU D 134 -5.52 -24.78 -32.63
N SER D 135 -6.81 -24.51 -32.51
CA SER D 135 -7.35 -23.16 -32.69
C SER D 135 -6.92 -22.21 -31.58
N GLY D 136 -6.41 -22.77 -30.50
CA GLY D 136 -5.95 -21.96 -29.37
C GLY D 136 -7.09 -21.34 -28.59
N ALA D 137 -6.74 -20.48 -27.63
CA ALA D 137 -7.72 -19.75 -26.85
C ALA D 137 -7.74 -18.28 -27.28
N THR D 138 -8.91 -17.65 -27.20
CA THR D 138 -9.05 -16.27 -27.64
C THR D 138 -9.50 -15.37 -26.50
N CYS D 139 -8.68 -14.38 -26.17
CA CYS D 139 -9.00 -13.45 -25.10
C CYS D 139 -9.25 -12.07 -25.65
N LYS D 140 -10.31 -11.44 -25.16
CA LYS D 140 -10.62 -10.06 -25.50
C LYS D 140 -10.21 -9.17 -24.33
N LEU D 141 -9.29 -8.25 -24.58
CA LEU D 141 -8.95 -7.24 -23.59
C LEU D 141 -9.68 -5.97 -23.98
N LYS D 142 -10.74 -5.63 -23.26
CA LYS D 142 -11.58 -4.51 -23.63
C LYS D 142 -11.32 -3.26 -22.76
N PHE D 143 -10.99 -2.15 -23.40
CA PHE D 143 -10.75 -0.90 -22.68
C PHE D 143 -11.68 0.21 -23.18
N GLY D 144 -12.08 1.08 -22.26
CA GLY D 144 -12.74 2.32 -22.64
C GLY D 144 -12.96 3.20 -21.43
N SER D 145 -13.40 4.43 -21.67
CA SER D 145 -13.67 5.34 -20.57
C SER D 145 -14.78 4.81 -19.66
N TRP D 146 -14.58 4.92 -18.36
CA TRP D 146 -15.59 4.45 -17.41
C TRP D 146 -16.74 5.44 -17.28
N THR D 147 -16.49 6.73 -17.49
CA THR D 147 -17.50 7.75 -17.20
C THR D 147 -17.71 8.82 -18.28
N HIS D 148 -16.85 8.86 -19.28
CA HIS D 148 -16.95 9.85 -20.36
C HIS D 148 -17.48 9.24 -21.66
N HIS D 149 -18.54 9.83 -22.20
CA HIS D 149 -19.02 9.39 -23.52
C HIS D 149 -18.23 10.04 -24.67
N SER D 150 -18.52 9.57 -25.90
CA SER D 150 -17.81 9.99 -27.10
C SER D 150 -17.64 11.49 -27.31
N ARG D 151 -18.63 12.28 -26.94
CA ARG D 151 -18.56 13.72 -27.20
C ARG D 151 -17.69 14.44 -26.19
N GLU D 152 -17.26 13.73 -25.16
CA GLU D 152 -16.26 14.27 -24.24
C GLU D 152 -14.87 13.67 -24.49
N LEU D 153 -14.83 12.35 -24.67
CA LEU D 153 -13.56 11.63 -24.80
C LEU D 153 -13.61 10.76 -26.05
N ASP D 154 -12.91 11.19 -27.07
CA ASP D 154 -12.93 10.56 -28.39
C ASP D 154 -11.81 9.54 -28.41
N LEU D 155 -12.13 8.34 -27.93
CA LEU D 155 -11.18 7.25 -27.92
C LEU D 155 -10.94 6.75 -29.34
N GLN D 156 -9.67 6.66 -29.69
CA GLN D 156 -9.26 6.22 -31.02
C GLN D 156 -8.11 5.25 -30.86
N MET D 157 -8.02 4.27 -31.75
CA MET D 157 -6.88 3.37 -31.69
C MET D 157 -5.81 3.75 -32.71
N GLN D 158 -4.61 3.19 -32.54
CA GLN D 158 -3.55 3.36 -33.51
C GLN D 158 -2.85 2.04 -33.80
N GLU D 159 -1.82 2.07 -34.64
CA GLU D 159 -1.11 0.87 -35.10
C GLU D 159 -0.66 -0.03 -33.96
N ALA D 160 -1.03 -1.31 -34.04
CA ALA D 160 -0.67 -2.29 -33.01
C ALA D 160 0.80 -2.67 -33.08
N ASP D 161 1.20 -3.60 -32.23
CA ASP D 161 2.59 -4.06 -32.19
C ASP D 161 2.72 -5.46 -31.59
N ILE D 162 3.39 -6.34 -32.33
CA ILE D 162 3.62 -7.71 -31.89
C ILE D 162 5.11 -7.92 -31.61
N SER D 163 5.91 -7.04 -32.19
CA SER D 163 7.37 -7.13 -32.14
C SER D 163 7.94 -7.34 -30.74
N GLY D 164 7.28 -6.75 -29.74
CA GLY D 164 7.77 -6.81 -28.37
C GLY D 164 7.51 -8.12 -27.64
N TYR D 165 6.70 -8.99 -28.23
CA TYR D 165 6.31 -10.23 -27.57
C TYR D 165 7.50 -11.17 -27.44
N ILE D 166 7.75 -11.63 -26.22
CA ILE D 166 8.93 -12.45 -25.93
C ILE D 166 8.85 -13.82 -26.63
N PRO D 167 9.95 -14.23 -27.26
CA PRO D 167 9.99 -15.47 -28.05
C PRO D 167 10.23 -16.75 -27.22
N TYR D 168 10.38 -16.63 -25.91
CA TYR D 168 10.72 -17.80 -25.11
C TYR D 168 9.61 -18.22 -24.13
N SER D 169 8.48 -17.52 -24.20
CA SER D 169 7.30 -17.91 -23.44
C SER D 169 6.84 -19.31 -23.83
N ARG D 170 6.07 -19.97 -22.96
CA ARG D 170 5.55 -21.29 -23.29
C ARG D 170 4.32 -21.16 -24.18
N PHE D 171 3.82 -19.93 -24.28
CA PHE D 171 2.66 -19.67 -25.12
C PHE D 171 3.06 -19.05 -26.45
N GLU D 172 2.51 -19.63 -27.52
CA GLU D 172 2.74 -19.14 -28.87
C GLU D 172 1.66 -18.15 -29.28
N LEU D 173 2.07 -16.92 -29.57
CA LEU D 173 1.14 -15.89 -29.98
C LEU D 173 0.71 -16.18 -31.41
N VAL D 174 -0.56 -16.50 -31.60
CA VAL D 174 -1.04 -16.87 -32.92
C VAL D 174 -1.50 -15.65 -33.71
N GLY D 175 -2.46 -14.93 -33.15
CA GLY D 175 -3.04 -13.78 -33.82
C GLY D 175 -3.38 -12.67 -32.86
N VAL D 176 -3.43 -11.45 -33.39
CA VAL D 176 -3.78 -10.29 -32.61
C VAL D 176 -4.49 -9.27 -33.50
N THR D 177 -5.69 -8.88 -33.11
CA THR D 177 -6.41 -7.81 -33.80
C THR D 177 -6.91 -6.78 -32.80
N GLN D 178 -7.11 -5.57 -33.29
CA GLN D 178 -7.69 -4.51 -32.47
C GLN D 178 -8.83 -3.87 -33.23
N LYS D 179 -9.90 -3.55 -32.51
CA LYS D 179 -10.97 -2.80 -33.13
C LYS D 179 -11.59 -1.77 -32.17
N ARG D 180 -11.92 -0.62 -32.74
CA ARG D 180 -12.56 0.45 -32.02
C ARG D 180 -14.05 0.31 -32.28
N SER D 181 -14.84 0.32 -31.21
N SER D 181 -14.84 0.31 -31.20
CA SER D 181 -16.29 0.24 -31.36
CA SER D 181 -16.28 0.22 -31.33
C SER D 181 -17.01 1.33 -30.56
C SER D 181 -16.98 1.38 -30.60
N GLU D 182 -18.27 1.53 -30.87
CA GLU D 182 -19.05 2.54 -30.19
C GLU D 182 -20.35 1.92 -29.70
N ARG D 183 -20.58 1.92 -28.40
CA ARG D 183 -21.75 1.25 -27.85
C ARG D 183 -22.73 2.14 -27.10
N PHE D 184 -24.01 1.89 -27.29
CA PHE D 184 -25.03 2.59 -26.55
C PHE D 184 -25.48 1.77 -25.35
N TYR D 185 -25.72 2.46 -24.24
CA TYR D 185 -26.30 1.85 -23.07
C TYR D 185 -27.70 2.43 -22.89
N GLU D 186 -28.60 1.66 -22.30
CA GLU D 186 -29.96 2.15 -22.04
C GLU D 186 -29.94 3.43 -21.20
N CYS D 187 -28.97 3.53 -20.29
CA CYS D 187 -28.83 4.67 -19.38
C CYS D 187 -28.70 6.02 -20.06
N CYS D 188 -28.02 6.06 -21.21
CA CYS D 188 -27.47 7.31 -21.71
C CYS D 188 -27.72 7.58 -23.19
N LYS D 189 -27.97 8.85 -23.53
CA LYS D 189 -28.19 9.27 -24.90
C LYS D 189 -26.93 9.03 -25.75
N GLU D 190 -25.78 9.37 -25.18
CA GLU D 190 -24.51 9.37 -25.90
C GLU D 190 -23.84 7.99 -25.84
N PRO D 191 -23.19 7.58 -26.94
CA PRO D 191 -22.53 6.28 -26.95
C PRO D 191 -21.18 6.34 -26.21
N TYR D 192 -20.68 5.18 -25.77
CA TYR D 192 -19.37 5.09 -25.11
C TYR D 192 -18.47 4.23 -25.98
N PRO D 193 -17.36 4.79 -26.46
CA PRO D 193 -16.43 4.02 -27.28
C PRO D 193 -15.50 3.15 -26.43
N ASP D 194 -15.15 2.01 -27.00
CA ASP D 194 -14.13 1.16 -26.42
C ASP D 194 -13.14 0.74 -27.50
N VAL D 195 -11.94 0.40 -27.10
CA VAL D 195 -11.02 -0.29 -28.00
C VAL D 195 -10.79 -1.68 -27.41
N THR D 196 -11.00 -2.70 -28.24
CA THR D 196 -10.88 -4.08 -27.79
C THR D 196 -9.73 -4.76 -28.51
N PHE D 197 -8.87 -5.40 -27.71
N PHE D 197 -8.89 -5.42 -27.71
CA PHE D 197 -7.73 -6.11 -28.27
CA PHE D 197 -7.70 -6.10 -28.20
C PHE D 197 -7.93 -7.60 -28.15
C PHE D 197 -7.92 -7.61 -28.14
N THR D 198 -7.99 -8.26 -29.29
CA THR D 198 -8.26 -9.70 -29.35
C THR D 198 -6.99 -10.49 -29.57
N VAL D 199 -6.69 -11.39 -28.63
CA VAL D 199 -5.47 -12.18 -28.68
C VAL D 199 -5.77 -13.66 -28.81
N THR D 200 -5.21 -14.30 -29.83
CA THR D 200 -5.30 -15.75 -29.93
C THR D 200 -3.95 -16.39 -29.66
N PHE D 201 -3.91 -17.33 -28.73
CA PHE D 201 -2.66 -17.97 -28.33
C PHE D 201 -2.84 -19.44 -27.99
N ARG D 202 -1.74 -20.17 -27.95
CA ARG D 202 -1.77 -21.61 -27.70
C ARG D 202 -0.50 -22.06 -26.96
N LYS D 203 -0.60 -23.16 -26.22
CA LYS D 203 0.58 -23.74 -25.60
C LYS D 203 1.48 -24.31 -26.69
N LYS D 204 2.79 -24.06 -26.58
CA LYS D 204 3.74 -24.57 -27.56
C LYS D 204 3.90 -26.09 -27.46
N GLY D 205 4.23 -26.72 -28.58
CA GLY D 205 4.38 -28.17 -28.61
C GLY D 205 5.39 -28.62 -29.65
N GLY E 1 -13.62 21.58 -19.36
CA GLY E 1 -13.31 22.86 -19.99
C GLY E 1 -13.45 24.01 -19.02
N GLU E 2 -13.57 25.21 -19.56
CA GLU E 2 -13.57 26.44 -18.78
C GLU E 2 -14.77 26.58 -17.83
N PHE E 3 -15.96 26.22 -18.29
CA PHE E 3 -17.12 26.33 -17.41
C PHE E 3 -17.02 25.32 -16.28
N GLN E 4 -16.56 24.12 -16.60
CA GLN E 4 -16.36 23.08 -15.61
C GLN E 4 -15.31 23.50 -14.57
N ARG E 5 -14.25 24.14 -15.04
CA ARG E 5 -13.23 24.66 -14.14
C ARG E 5 -13.83 25.66 -13.14
N LYS E 6 -14.68 26.56 -13.64
CA LYS E 6 -15.31 27.58 -12.82
C LYS E 6 -16.30 26.95 -11.83
N LEU E 7 -16.96 25.87 -12.27
CA LEU E 7 -17.92 25.18 -11.42
C LEU E 7 -17.19 24.61 -10.19
N TYR E 8 -16.07 23.95 -10.42
CA TYR E 8 -15.28 23.36 -9.33
C TYR E 8 -14.86 24.35 -8.23
N LYS E 9 -14.43 25.54 -8.65
CA LYS E 9 -14.03 26.59 -7.71
C LYS E 9 -15.19 26.99 -6.82
N GLU E 10 -16.39 27.08 -7.39
CA GLU E 10 -17.56 27.34 -6.56
C GLU E 10 -17.89 26.15 -5.63
N LEU E 11 -17.99 24.96 -6.20
CA LEU E 11 -18.53 23.80 -5.47
C LEU E 11 -17.65 23.41 -4.30
N VAL E 12 -16.35 23.58 -4.48
CA VAL E 12 -15.37 23.13 -3.50
C VAL E 12 -15.42 23.99 -2.23
N LYS E 13 -16.01 25.18 -2.34
CA LYS E 13 -15.82 26.22 -1.34
C LYS E 13 -15.94 25.80 0.14
N ASN E 14 -17.12 25.40 0.58
CA ASN E 14 -17.26 24.92 1.96
C ASN E 14 -17.55 23.43 2.02
N TYR E 15 -17.23 22.72 0.95
CA TYR E 15 -17.58 21.31 0.87
C TYR E 15 -16.76 20.44 1.81
N ASN E 16 -17.42 19.64 2.63
CA ASN E 16 -16.73 18.70 3.51
C ASN E 16 -17.21 17.27 3.22
N PRO E 17 -16.32 16.47 2.60
CA PRO E 17 -16.72 15.11 2.18
C PRO E 17 -16.85 14.13 3.36
N ASP E 18 -16.50 14.57 4.56
CA ASP E 18 -16.67 13.76 5.76
C ASP E 18 -18.08 13.91 6.34
N VAL E 19 -18.84 14.88 5.82
CA VAL E 19 -20.17 15.18 6.38
C VAL E 19 -21.34 14.67 5.54
N ILE E 20 -22.09 13.71 6.05
CA ILE E 20 -23.25 13.18 5.33
C ILE E 20 -24.17 14.36 5.00
N PRO E 21 -24.52 14.52 3.72
CA PRO E 21 -25.27 15.69 3.27
C PRO E 21 -26.79 15.56 3.50
N THR E 22 -27.19 15.32 4.76
CA THR E 22 -28.61 15.31 5.11
C THR E 22 -29.15 16.73 5.00
N GLN E 23 -30.46 16.85 5.02
CA GLN E 23 -31.09 18.16 5.13
C GLN E 23 -32.50 18.00 5.69
N ARG E 24 -32.90 18.97 6.51
CA ARG E 24 -34.27 19.02 7.05
C ARG E 24 -34.70 17.71 7.72
N ASP E 25 -33.91 17.24 8.67
CA ASP E 25 -34.21 15.99 9.41
C ASP E 25 -34.25 14.73 8.53
N ARG E 26 -34.27 14.92 7.21
CA ARG E 26 -34.45 13.81 6.29
C ARG E 26 -33.15 13.08 5.97
N PRO E 27 -33.22 11.75 5.85
CA PRO E 27 -32.04 10.97 5.50
C PRO E 27 -31.54 11.26 4.09
N VAL E 28 -30.33 10.80 3.78
CA VAL E 28 -29.85 10.74 2.41
C VAL E 28 -30.26 9.38 1.90
N THR E 29 -31.12 9.34 0.89
CA THR E 29 -31.54 8.07 0.32
C THR E 29 -30.44 7.52 -0.57
N VAL E 30 -30.05 6.28 -0.35
CA VAL E 30 -28.99 5.69 -1.14
C VAL E 30 -29.50 4.44 -1.82
N TYR E 31 -29.44 4.42 -3.14
CA TYR E 31 -29.88 3.26 -3.91
C TYR E 31 -28.71 2.37 -4.20
N PHE E 32 -28.94 1.07 -4.11
CA PHE E 32 -27.87 0.11 -4.18
C PHE E 32 -28.37 -1.12 -4.93
N SER E 33 -27.54 -1.63 -5.84
CA SER E 33 -27.79 -2.93 -6.42
C SER E 33 -26.42 -3.61 -6.69
N LEU E 34 -26.45 -4.93 -6.74
CA LEU E 34 -25.26 -5.72 -7.00
C LEU E 34 -25.53 -6.62 -8.20
N SER E 35 -24.60 -6.65 -9.15
CA SER E 35 -24.69 -7.55 -10.29
C SER E 35 -23.45 -8.43 -10.25
N LEU E 36 -23.66 -9.74 -10.16
CA LEU E 36 -22.54 -10.66 -10.01
C LEU E 36 -21.90 -10.92 -11.37
N LEU E 37 -20.59 -10.74 -11.46
CA LEU E 37 -19.95 -10.89 -12.77
C LEU E 37 -19.33 -12.28 -12.89
N GLN E 38 -18.67 -12.72 -11.82
CA GLN E 38 -17.99 -14.00 -11.84
C GLN E 38 -17.72 -14.50 -10.44
N ILE E 39 -17.97 -15.79 -10.22
CA ILE E 39 -17.47 -16.45 -9.01
C ILE E 39 -16.09 -16.98 -9.36
N MET E 40 -15.05 -16.34 -8.80
CA MET E 40 -13.67 -16.65 -9.13
C MET E 40 -13.22 -17.96 -8.52
N ASP E 41 -13.66 -18.22 -7.30
CA ASP E 41 -13.21 -19.41 -6.60
C ASP E 41 -14.02 -19.67 -5.34
N VAL E 42 -14.01 -20.92 -4.90
CA VAL E 42 -14.58 -21.29 -3.63
C VAL E 42 -13.52 -22.05 -2.86
N ASP E 43 -13.47 -21.82 -1.57
CA ASP E 43 -12.55 -22.53 -0.71
C ASP E 43 -13.39 -23.37 0.24
N GLU E 44 -13.47 -24.66 -0.06
CA GLU E 44 -14.33 -25.55 0.70
C GLU E 44 -13.80 -25.83 2.11
N LYS E 45 -12.48 -25.75 2.26
CA LYS E 45 -11.87 -25.98 3.55
C LYS E 45 -12.15 -24.83 4.51
N ASN E 46 -11.91 -23.60 4.05
CA ASN E 46 -11.99 -22.43 4.92
C ASN E 46 -13.32 -21.69 4.83
N GLN E 47 -14.21 -22.20 3.98
CA GLN E 47 -15.56 -21.65 3.80
C GLN E 47 -15.51 -20.20 3.32
N VAL E 48 -15.01 -20.01 2.11
CA VAL E 48 -14.89 -18.69 1.54
C VAL E 48 -15.31 -18.73 0.07
N VAL E 49 -15.97 -17.67 -0.38
CA VAL E 49 -16.25 -17.52 -1.80
C VAL E 49 -15.59 -16.23 -2.30
N ASP E 50 -14.98 -16.31 -3.47
CA ASP E 50 -14.26 -15.19 -4.08
C ASP E 50 -15.06 -14.69 -5.27
N VAL E 51 -15.60 -13.48 -5.17
CA VAL E 51 -16.48 -12.97 -6.24
C VAL E 51 -16.01 -11.64 -6.87
N VAL E 52 -16.30 -11.48 -8.16
CA VAL E 52 -16.18 -10.18 -8.83
C VAL E 52 -17.61 -9.68 -9.08
N PHE E 53 -17.94 -8.48 -8.60
CA PHE E 53 -19.29 -7.95 -8.79
C PHE E 53 -19.30 -6.46 -9.19
N TRP E 54 -20.42 -6.02 -9.74
CA TRP E 54 -20.63 -4.63 -10.14
C TRP E 54 -21.66 -3.94 -9.25
N LEU E 55 -21.22 -2.97 -8.47
CA LEU E 55 -22.16 -2.22 -7.67
C LEU E 55 -22.70 -1.02 -8.45
N GLN E 56 -23.99 -0.78 -8.30
CA GLN E 56 -24.55 0.47 -8.78
C GLN E 56 -25.11 1.20 -7.61
N MET E 57 -24.49 2.33 -7.29
CA MET E 57 -24.90 3.11 -6.14
C MET E 57 -25.25 4.52 -6.60
N SER E 58 -26.28 5.09 -6.00
CA SER E 58 -26.69 6.42 -6.38
C SER E 58 -27.32 7.11 -5.19
N TRP E 59 -27.12 8.43 -5.12
CA TRP E 59 -27.73 9.23 -4.06
C TRP E 59 -27.71 10.68 -4.46
N THR E 60 -28.36 11.51 -3.66
CA THR E 60 -28.39 12.94 -3.89
C THR E 60 -27.56 13.68 -2.87
N ASP E 61 -26.62 14.47 -3.37
CA ASP E 61 -25.84 15.36 -2.54
C ASP E 61 -26.28 16.77 -2.88
N HIS E 62 -27.05 17.38 -1.98
CA HIS E 62 -27.67 18.66 -2.25
C HIS E 62 -26.69 19.84 -2.27
N TYR E 63 -25.48 19.65 -1.74
CA TYR E 63 -24.44 20.68 -1.85
C TYR E 63 -23.74 20.67 -3.20
N LEU E 64 -24.03 19.67 -4.02
CA LEU E 64 -23.40 19.56 -5.33
C LEU E 64 -24.35 19.89 -6.51
N GLN E 65 -25.13 20.94 -6.38
CA GLN E 65 -25.96 21.35 -7.51
C GLN E 65 -25.59 22.72 -8.03
N TRP E 66 -26.04 23.00 -9.25
CA TRP E 66 -25.77 24.26 -9.90
C TRP E 66 -26.79 24.50 -10.97
N ASN E 67 -26.87 25.77 -11.39
CA ASN E 67 -27.69 26.18 -12.50
C ASN E 67 -26.97 25.95 -13.82
N VAL E 68 -27.52 25.08 -14.67
CA VAL E 68 -26.88 24.77 -15.95
C VAL E 68 -26.65 26.01 -16.83
N SER E 69 -27.54 26.99 -16.75
CA SER E 69 -27.37 28.18 -17.58
C SER E 69 -26.34 29.16 -16.98
N GLU E 70 -25.81 28.81 -15.80
CA GLU E 70 -24.66 29.52 -15.27
C GLU E 70 -23.36 28.85 -15.70
N TYR E 71 -23.49 27.63 -16.21
CA TYR E 71 -22.33 26.89 -16.69
C TYR E 71 -22.74 26.16 -17.97
N PRO E 72 -23.04 26.92 -19.04
CA PRO E 72 -23.66 26.29 -20.22
C PRO E 72 -22.84 25.10 -20.73
N GLY E 73 -23.54 24.03 -21.08
CA GLY E 73 -22.87 22.82 -21.53
C GLY E 73 -22.48 21.85 -20.43
N VAL E 74 -22.41 22.31 -19.19
CA VAL E 74 -21.97 21.44 -18.11
C VAL E 74 -23.17 20.77 -17.41
N LYS E 75 -23.51 19.57 -17.85
CA LYS E 75 -24.70 18.89 -17.33
C LYS E 75 -24.32 17.83 -16.31
N GLN E 76 -23.17 17.19 -16.51
CA GLN E 76 -22.66 16.29 -15.50
C GLN E 76 -21.13 16.26 -15.52
N VAL E 77 -20.54 15.93 -14.38
CA VAL E 77 -19.08 15.88 -14.28
C VAL E 77 -18.61 14.59 -13.60
N SER E 78 -17.43 14.12 -14.01
CA SER E 78 -16.76 13.01 -13.34
C SER E 78 -15.85 13.56 -12.24
N VAL E 79 -16.08 13.12 -11.02
CA VAL E 79 -15.39 13.61 -9.85
C VAL E 79 -14.73 12.44 -9.12
N PRO E 80 -13.46 12.58 -8.72
CA PRO E 80 -12.88 11.51 -7.90
C PRO E 80 -13.69 11.33 -6.62
N ILE E 81 -13.87 10.09 -6.17
CA ILE E 81 -14.69 9.84 -4.98
C ILE E 81 -14.05 10.34 -3.69
N SER E 82 -12.73 10.51 -3.68
CA SER E 82 -12.03 11.08 -2.52
C SER E 82 -12.43 12.53 -2.28
N SER E 83 -13.06 13.15 -3.27
CA SER E 83 -13.49 14.54 -3.14
C SER E 83 -14.92 14.67 -2.65
N LEU E 84 -15.62 13.54 -2.63
CA LEU E 84 -17.06 13.48 -2.38
C LEU E 84 -17.37 12.78 -1.06
N TRP E 85 -18.49 13.13 -0.44
CA TRP E 85 -19.02 12.27 0.59
C TRP E 85 -19.50 11.01 -0.09
N VAL E 86 -19.18 9.83 0.46
CA VAL E 86 -19.74 8.60 -0.08
C VAL E 86 -20.35 7.75 1.03
N PRO E 87 -21.34 6.92 0.70
CA PRO E 87 -21.92 6.09 1.76
C PRO E 87 -20.84 5.18 2.35
N ASP E 88 -20.86 5.00 3.66
CA ASP E 88 -19.88 4.15 4.34
C ASP E 88 -20.40 2.72 4.34
N LEU E 89 -20.65 2.19 3.16
N LEU E 89 -20.66 2.20 3.15
CA LEU E 89 -21.22 0.86 3.03
CA LEU E 89 -21.19 0.85 3.02
C LEU E 89 -20.16 -0.21 3.29
C LEU E 89 -20.13 -0.18 3.34
N ALA E 90 -20.52 -1.20 4.10
CA ALA E 90 -19.61 -2.30 4.43
C ALA E 90 -20.21 -3.59 3.95
N ALA E 91 -19.32 -4.52 3.65
CA ALA E 91 -19.70 -5.90 3.39
C ALA E 91 -19.61 -6.64 4.72
N TYR E 92 -20.76 -6.91 5.34
CA TYR E 92 -20.81 -7.47 6.70
C TYR E 92 -20.04 -8.80 6.84
N ASN E 93 -20.11 -9.64 5.82
CA ASN E 93 -19.44 -10.93 5.90
C ASN E 93 -18.23 -11.07 4.96
N ALA E 94 -17.62 -9.96 4.56
CA ALA E 94 -16.34 -10.03 3.86
C ALA E 94 -15.24 -10.53 4.79
N ILE E 95 -14.27 -11.25 4.24
CA ILE E 95 -13.08 -11.64 5.00
C ILE E 95 -11.83 -11.06 4.33
N SER E 96 -12.03 -10.23 3.31
CA SER E 96 -10.95 -9.47 2.70
C SER E 96 -11.43 -8.06 2.41
N LYS E 97 -10.49 -7.13 2.28
CA LYS E 97 -10.81 -5.78 1.84
C LYS E 97 -11.28 -5.79 0.39
N PRO E 98 -12.20 -4.88 0.04
CA PRO E 98 -12.63 -4.88 -1.36
C PRO E 98 -11.51 -4.37 -2.29
N GLU E 99 -11.33 -5.06 -3.42
CA GLU E 99 -10.41 -4.61 -4.45
C GLU E 99 -11.22 -3.95 -5.59
N VAL E 100 -11.18 -2.62 -5.64
CA VAL E 100 -11.89 -1.88 -6.67
C VAL E 100 -11.16 -1.98 -8.02
N LEU E 101 -11.85 -2.49 -9.04
CA LEU E 101 -11.19 -2.77 -10.32
C LEU E 101 -11.31 -1.61 -11.32
N THR E 102 -12.15 -0.64 -11.03
CA THR E 102 -12.47 0.44 -11.97
C THR E 102 -12.05 1.84 -11.45
N PRO E 103 -11.96 2.85 -12.35
CA PRO E 103 -11.53 4.18 -11.89
C PRO E 103 -12.44 4.70 -10.77
N GLN E 104 -11.89 5.33 -9.76
CA GLN E 104 -12.71 5.73 -8.61
C GLN E 104 -13.29 7.12 -8.82
N LEU E 105 -14.29 7.18 -9.69
CA LEU E 105 -14.86 8.43 -10.14
C LEU E 105 -16.35 8.25 -10.04
N ALA E 106 -17.04 9.29 -9.64
CA ALA E 106 -18.48 9.26 -9.57
C ALA E 106 -19.01 10.33 -10.52
N LEU E 107 -20.13 10.02 -11.16
CA LEU E 107 -20.84 10.96 -12.02
C LEU E 107 -21.72 11.84 -11.14
N VAL E 108 -21.72 13.14 -11.38
CA VAL E 108 -22.52 14.05 -10.60
C VAL E 108 -23.22 14.99 -11.55
N ASN E 109 -24.56 15.03 -11.54
CA ASN E 109 -25.16 16.05 -12.38
C ASN E 109 -25.71 17.25 -11.61
N SER E 110 -26.39 18.13 -12.35
CA SER E 110 -26.64 19.48 -11.87
C SER E 110 -27.62 19.62 -10.72
N SER E 111 -28.36 18.56 -10.40
CA SER E 111 -29.28 18.65 -9.26
C SER E 111 -28.75 17.85 -8.09
N GLY E 112 -27.47 17.48 -8.16
CA GLY E 112 -26.77 16.86 -7.06
C GLY E 112 -26.87 15.34 -7.04
N HIS E 113 -27.34 14.75 -8.14
CA HIS E 113 -27.46 13.32 -8.20
C HIS E 113 -26.11 12.70 -8.54
N VAL E 114 -25.70 11.78 -7.69
CA VAL E 114 -24.38 11.18 -7.77
C VAL E 114 -24.53 9.71 -8.08
N GLN E 115 -23.75 9.22 -9.04
CA GLN E 115 -23.71 7.81 -9.35
C GLN E 115 -22.27 7.32 -9.28
N TYR E 116 -22.06 6.27 -8.50
CA TYR E 116 -20.76 5.64 -8.37
C TYR E 116 -20.94 4.16 -8.65
N LEU E 117 -20.20 3.65 -9.63
CA LEU E 117 -20.48 2.35 -10.19
C LEU E 117 -19.26 1.44 -10.28
N PRO E 118 -18.67 1.08 -9.12
CA PRO E 118 -17.42 0.31 -9.13
C PRO E 118 -17.59 -1.17 -9.36
N SER E 119 -16.67 -1.74 -10.13
CA SER E 119 -16.54 -3.16 -10.22
C SER E 119 -15.55 -3.59 -9.13
N ILE E 120 -15.90 -4.65 -8.41
CA ILE E 120 -15.20 -4.96 -7.17
C ILE E 120 -14.90 -6.46 -7.09
N ARG E 121 -13.70 -6.79 -6.64
CA ARG E 121 -13.40 -8.16 -6.28
C ARG E 121 -13.26 -8.27 -4.77
N GLN E 122 -13.79 -9.34 -4.21
CA GLN E 122 -13.81 -9.48 -2.76
C GLN E 122 -14.18 -10.89 -2.33
N ARG E 123 -13.58 -11.31 -1.22
CA ARG E 123 -13.86 -12.62 -0.66
C ARG E 123 -14.74 -12.48 0.56
N PHE E 124 -15.71 -13.40 0.65
CA PHE E 124 -16.71 -13.41 1.70
C PHE E 124 -16.74 -14.76 2.40
N SER E 125 -17.15 -14.75 3.66
CA SER E 125 -17.42 -16.00 4.38
C SER E 125 -18.70 -16.61 3.86
N CYS E 126 -18.66 -17.91 3.55
CA CYS E 126 -19.81 -18.58 2.98
C CYS E 126 -19.70 -20.08 3.17
N ASP E 127 -20.82 -20.74 3.54
CA ASP E 127 -20.88 -22.20 3.57
C ASP E 127 -21.01 -22.68 2.13
N VAL E 128 -19.91 -23.13 1.56
CA VAL E 128 -19.89 -23.57 0.17
C VAL E 128 -19.89 -25.09 0.03
N SER E 129 -20.23 -25.77 1.12
CA SER E 129 -20.16 -27.23 1.16
C SER E 129 -21.04 -27.94 0.10
N GLY E 130 -22.14 -27.32 -0.29
CA GLY E 130 -23.03 -27.96 -1.25
C GLY E 130 -22.74 -27.62 -2.70
N VAL E 131 -21.57 -27.05 -2.97
CA VAL E 131 -21.24 -26.55 -4.31
C VAL E 131 -21.27 -27.63 -5.40
N ASP E 132 -21.02 -28.88 -5.01
CA ASP E 132 -21.02 -29.96 -5.99
C ASP E 132 -22.28 -30.80 -5.92
N THR E 133 -23.36 -30.25 -5.37
CA THR E 133 -24.66 -30.92 -5.35
C THR E 133 -25.62 -30.22 -6.30
N GLU E 134 -26.76 -30.84 -6.55
CA GLU E 134 -27.77 -30.24 -7.42
C GLU E 134 -28.34 -28.96 -6.82
N SER E 135 -28.60 -28.98 -5.52
CA SER E 135 -29.14 -27.82 -4.83
C SER E 135 -28.12 -26.68 -4.75
N GLY E 136 -26.84 -27.02 -4.90
CA GLY E 136 -25.76 -26.05 -4.90
C GLY E 136 -25.40 -25.47 -3.54
N ALA E 137 -24.58 -24.43 -3.54
CA ALA E 137 -24.26 -23.69 -2.33
C ALA E 137 -24.92 -22.32 -2.37
N THR E 138 -25.34 -21.85 -1.21
CA THR E 138 -25.98 -20.55 -1.10
C THR E 138 -25.13 -19.60 -0.26
N CYS E 139 -24.68 -18.51 -0.89
CA CYS E 139 -23.93 -17.46 -0.19
C CYS E 139 -24.78 -16.21 -0.10
N LYS E 140 -24.72 -15.55 1.06
CA LYS E 140 -25.40 -14.26 1.25
C LYS E 140 -24.36 -13.16 1.38
N LEU E 141 -24.39 -12.23 0.44
CA LEU E 141 -23.49 -11.07 0.50
C LEU E 141 -24.31 -9.93 1.06
N LYS E 142 -24.02 -9.57 2.31
CA LYS E 142 -24.84 -8.59 3.03
C LYS E 142 -24.14 -7.25 3.10
N PHE E 143 -24.84 -6.18 2.72
CA PHE E 143 -24.28 -4.82 2.74
C PHE E 143 -25.13 -3.82 3.50
N GLY E 144 -24.46 -2.88 4.18
CA GLY E 144 -25.16 -1.81 4.86
C GLY E 144 -24.19 -0.77 5.35
N SER E 145 -24.71 0.37 5.80
CA SER E 145 -23.88 1.41 6.38
C SER E 145 -23.27 0.88 7.67
N TRP E 146 -22.02 1.25 7.94
CA TRP E 146 -21.35 0.76 9.12
C TRP E 146 -21.70 1.64 10.33
N THR E 147 -22.07 2.90 10.10
CA THR E 147 -22.21 3.86 11.21
C THR E 147 -23.48 4.71 11.16
N HIS E 148 -24.23 4.63 10.06
CA HIS E 148 -25.43 5.46 9.87
C HIS E 148 -26.69 4.61 9.93
N HIS E 149 -27.61 5.00 10.79
CA HIS E 149 -28.90 4.31 10.86
C HIS E 149 -29.92 4.86 9.83
N SER E 150 -31.09 4.25 9.82
CA SER E 150 -32.16 4.48 8.84
C SER E 150 -32.53 5.92 8.65
N ARG E 151 -32.57 6.68 9.75
CA ARG E 151 -33.02 8.05 9.67
C ARG E 151 -31.95 9.01 9.17
N GLU E 152 -30.71 8.54 9.03
CA GLU E 152 -29.64 9.34 8.42
C GLU E 152 -29.30 8.89 7.00
N LEU E 153 -29.24 7.59 6.80
CA LEU E 153 -28.88 7.05 5.50
C LEU E 153 -29.93 5.99 5.18
N ASP E 154 -30.82 6.34 4.27
CA ASP E 154 -31.96 5.49 3.92
C ASP E 154 -31.54 4.61 2.75
N LEU E 155 -31.05 3.43 3.06
CA LEU E 155 -30.56 2.51 2.04
C LEU E 155 -31.73 1.79 1.39
N GLN E 156 -31.81 1.87 0.06
CA GLN E 156 -32.89 1.24 -0.70
C GLN E 156 -32.23 0.40 -1.78
N MET E 157 -32.87 -0.69 -2.18
CA MET E 157 -32.30 -1.42 -3.31
C MET E 157 -32.97 -1.01 -4.58
N GLN E 158 -32.23 -1.11 -5.68
CA GLN E 158 -32.87 -1.07 -6.97
C GLN E 158 -32.67 -2.42 -7.63
N GLU E 159 -33.55 -2.75 -8.56
CA GLU E 159 -33.54 -4.06 -9.19
C GLU E 159 -32.26 -4.24 -9.99
N ALA E 160 -31.79 -5.46 -10.01
CA ALA E 160 -30.65 -5.83 -10.84
C ALA E 160 -30.98 -7.16 -11.47
N ASP E 161 -30.19 -7.57 -12.45
CA ASP E 161 -30.43 -8.85 -13.09
C ASP E 161 -29.11 -9.60 -13.16
N ILE E 162 -29.10 -10.69 -13.92
CA ILE E 162 -27.91 -11.52 -14.00
C ILE E 162 -27.29 -11.49 -15.39
N SER E 163 -27.55 -10.41 -16.14
CA SER E 163 -27.13 -10.32 -17.54
C SER E 163 -25.63 -10.36 -17.68
N GLY E 164 -24.95 -9.81 -16.69
CA GLY E 164 -23.51 -9.66 -16.77
C GLY E 164 -22.73 -10.88 -16.32
N TYR E 165 -23.42 -11.88 -15.77
CA TYR E 165 -22.74 -13.07 -15.28
C TYR E 165 -22.00 -13.76 -16.43
N ILE E 166 -20.69 -13.93 -16.30
CA ILE E 166 -19.93 -14.48 -17.43
C ILE E 166 -20.30 -15.95 -17.66
N PRO E 167 -20.52 -16.31 -18.93
CA PRO E 167 -21.15 -17.61 -19.21
C PRO E 167 -20.16 -18.77 -19.26
N TYR E 168 -18.85 -18.50 -19.19
CA TYR E 168 -17.87 -19.55 -19.40
C TYR E 168 -17.17 -20.00 -18.11
N SER E 169 -17.71 -19.61 -16.96
CA SER E 169 -17.16 -20.07 -15.70
C SER E 169 -17.57 -21.52 -15.44
N ARG E 170 -16.99 -22.12 -14.41
CA ARG E 170 -17.29 -23.50 -14.05
C ARG E 170 -18.44 -23.57 -13.07
N PHE E 171 -19.03 -22.41 -12.76
CA PHE E 171 -20.18 -22.35 -11.87
C PHE E 171 -21.43 -21.88 -12.59
N GLU E 172 -22.56 -22.51 -12.29
CA GLU E 172 -23.81 -22.03 -12.83
C GLU E 172 -24.71 -21.50 -11.72
N LEU E 173 -25.51 -20.50 -12.06
CA LEU E 173 -26.41 -19.89 -11.09
C LEU E 173 -27.71 -20.68 -11.03
N VAL E 174 -28.08 -21.10 -9.81
CA VAL E 174 -29.30 -21.89 -9.60
C VAL E 174 -30.39 -20.96 -9.10
N GLY E 175 -29.97 -19.86 -8.49
CA GLY E 175 -30.90 -18.91 -7.91
C GLY E 175 -30.21 -17.64 -7.49
N VAL E 176 -30.91 -16.53 -7.63
CA VAL E 176 -30.40 -15.25 -7.14
C VAL E 176 -31.60 -14.48 -6.58
N THR E 177 -31.40 -13.87 -5.41
CA THR E 177 -32.38 -12.95 -4.84
C THR E 177 -31.68 -11.75 -4.24
N GLN E 178 -32.42 -10.66 -4.10
CA GLN E 178 -31.86 -9.44 -3.55
C GLN E 178 -32.94 -8.71 -2.79
N LYS E 179 -32.73 -8.52 -1.49
CA LYS E 179 -33.76 -7.92 -0.67
C LYS E 179 -33.22 -6.95 0.38
N ARG E 180 -34.05 -5.97 0.71
CA ARG E 180 -33.71 -4.97 1.71
C ARG E 180 -34.43 -5.33 2.99
N SER E 181 -33.72 -5.23 4.11
CA SER E 181 -34.31 -5.47 5.44
C SER E 181 -33.93 -4.34 6.35
N GLU E 182 -34.53 -4.34 7.53
CA GLU E 182 -34.31 -3.30 8.51
C GLU E 182 -34.34 -4.01 9.86
N ARG E 183 -33.19 -4.10 10.51
CA ARG E 183 -33.08 -4.89 11.75
C ARG E 183 -32.60 -3.98 12.87
N PHE E 184 -32.92 -4.34 14.10
CA PHE E 184 -32.33 -3.70 15.27
C PHE E 184 -31.07 -4.47 15.70
N TYR E 185 -30.10 -3.75 16.24
CA TYR E 185 -28.90 -4.35 16.80
C TYR E 185 -28.88 -4.02 18.27
N GLU E 186 -28.17 -4.83 19.05
CA GLU E 186 -28.14 -4.66 20.51
C GLU E 186 -27.69 -3.25 20.94
N CYS E 187 -26.80 -2.64 20.15
CA CYS E 187 -26.25 -1.32 20.46
C CYS E 187 -27.25 -0.17 20.48
N CYS E 188 -28.16 -0.16 19.51
CA CYS E 188 -28.84 1.08 19.15
C CYS E 188 -30.37 1.06 19.15
N LYS E 189 -30.94 2.22 19.39
CA LYS E 189 -32.36 2.41 19.47
C LYS E 189 -32.96 2.53 18.05
N GLU E 190 -32.11 2.83 17.07
CA GLU E 190 -32.54 3.03 15.68
C GLU E 190 -32.31 1.79 14.84
N PRO E 191 -33.22 1.51 13.91
CA PRO E 191 -32.98 0.39 12.98
C PRO E 191 -31.92 0.75 11.93
N TYR E 192 -31.16 -0.26 11.51
CA TYR E 192 -30.21 -0.13 10.42
C TYR E 192 -30.70 -0.99 9.28
N PRO E 193 -30.78 -0.41 8.07
CA PRO E 193 -31.18 -1.17 6.90
C PRO E 193 -29.98 -1.88 6.27
N ASP E 194 -30.24 -3.00 5.61
CA ASP E 194 -29.20 -3.63 4.80
C ASP E 194 -29.79 -4.15 3.51
N VAL E 195 -28.93 -4.42 2.53
CA VAL E 195 -29.36 -5.12 1.34
C VAL E 195 -28.53 -6.39 1.22
N THR E 196 -29.22 -7.52 1.04
CA THR E 196 -28.56 -8.80 0.94
C THR E 196 -28.79 -9.40 -0.42
N PHE E 197 -27.68 -9.76 -1.05
CA PHE E 197 -27.70 -10.45 -2.32
C PHE E 197 -27.44 -11.93 -2.00
N THR E 198 -28.40 -12.76 -2.33
CA THR E 198 -28.34 -14.18 -2.00
C THR E 198 -28.19 -14.97 -3.27
N VAL E 199 -27.02 -15.58 -3.45
CA VAL E 199 -26.77 -16.33 -4.67
C VAL E 199 -26.59 -17.82 -4.37
N THR E 200 -27.30 -18.64 -5.13
CA THR E 200 -27.15 -20.08 -5.08
C THR E 200 -26.55 -20.55 -6.39
N PHE E 201 -25.46 -21.30 -6.30
CA PHE E 201 -24.70 -21.74 -7.47
C PHE E 201 -24.12 -23.14 -7.25
N ARG E 202 -23.65 -23.76 -8.34
CA ARG E 202 -23.10 -25.10 -8.30
C ARG E 202 -22.09 -25.28 -9.42
N LYS E 203 -21.24 -26.31 -9.31
CA LYS E 203 -20.33 -26.69 -10.38
C LYS E 203 -21.11 -27.26 -11.55
N LYS E 204 -20.86 -26.76 -12.76
CA LYS E 204 -21.45 -27.35 -13.95
C LYS E 204 -20.95 -28.78 -14.16
N GLY E 205 -21.75 -29.60 -14.84
CA GLY E 205 -21.37 -30.98 -15.10
C GLY E 205 -21.71 -31.93 -13.96
C1 NAG F . -23.03 9.31 24.95
C2 NAG F . -23.82 10.02 26.05
C3 NAG F . -23.17 9.86 27.41
C4 NAG F . -22.73 8.43 27.59
C5 NAG F . -21.82 7.92 26.47
C6 NAG F . -21.47 6.46 26.70
C7 NAG F . -25.13 11.93 25.44
C8 NAG F . -25.30 13.41 25.55
N2 NAG F . -23.92 11.43 25.72
O3 NAG F . -24.10 10.19 28.40
O4 NAG F . -22.02 8.42 28.80
O5 NAG F . -22.46 8.05 25.23
O6 NAG F . -22.63 5.65 26.59
O7 NAG F . -26.07 11.21 25.13
C1 NAG G . -23.18 6.00 29.92
C2 NAG G . -22.07 6.23 30.91
C3 NAG G . -22.72 5.95 32.25
C4 NAG G . -23.94 6.86 32.44
C5 NAG G . -24.68 7.28 31.17
C6 NAG G . -25.18 8.72 31.20
C7 NAG G . -19.79 5.97 30.15
C8 NAG G . -18.80 5.06 29.48
N2 NAG G . -20.93 5.41 30.54
O3 NAG G . -21.81 6.18 33.30
O4 NAG G . -24.84 6.17 33.29
O5 NAG G . -23.86 7.23 30.02
O6 NAG G . -26.09 8.92 32.25
O7 NAG G . -19.53 7.17 30.32
C1 BMA H . -25.17 7.96 35.54
C2 BMA H . -26.27 6.98 35.92
C3 BMA H . -26.13 6.85 37.41
C4 BMA H . -24.82 6.15 37.76
C5 BMA H . -23.63 6.45 36.81
C6 BMA H . -23.11 5.16 36.18
O2 BMA H . -26.11 5.71 35.27
O3 BMA H . -27.27 6.15 37.92
O4 BMA H . -24.45 6.56 39.09
O5 BMA H . -23.86 7.42 35.77
O6 BMA H . -21.67 5.12 36.29
C1 MAN I . -29.21 9.06 37.20
C2 MAN I . -29.75 8.63 35.82
C3 MAN I . -30.51 7.29 35.79
C4 MAN I . -30.22 6.38 36.98
C5 MAN I . -30.14 7.22 38.25
C6 MAN I . -30.03 6.36 39.50
O2 MAN I . -28.72 8.63 34.85
O3 MAN I . -30.16 6.62 34.59
O4 MAN I . -31.22 5.39 37.10
O5 MAN I . -28.99 8.00 38.10
O6 MAN I . -31.10 5.44 39.53
O1 L0B J . 8.95 -3.06 27.69
C3 L0B J . 8.91 -1.85 27.69
C21 L0B J . 6.71 -8.77 22.27
C10 L0B J . 7.60 -7.71 22.37
C19 L0B J . 7.57 -6.88 23.50
C17 L0B J . 6.65 -7.10 24.53
C18 L0B J . 5.75 -8.16 24.41
C20 L0B J . 5.79 -8.98 23.29
C14 L0B J . 5.57 -5.10 25.43
C11 L0B J . 5.43 -4.04 26.54
C13 L0B J . 4.12 -3.29 26.31
C15 L0B J . 3.91 -2.24 27.38
C12 L0B J . 5.12 -1.31 27.44
C9 L0B J . 6.42 -2.09 27.62
N1 L0B J . 6.58 -3.10 26.54
C22 L0B J . 6.71 -2.40 25.24
C8 L0B J . 7.59 -1.12 27.58
C16 L0B J . 6.61 -6.20 25.71
O2 L0B J . 7.89 -5.60 25.94
C4 L0B J . 11.40 -1.66 27.58
C1 L0B J . 10.17 -1.04 27.74
C2 L0B J . 10.09 0.35 27.92
C5 L0B J . 11.24 1.10 27.96
C6 L0B J . 12.48 0.47 27.81
C7 L0B J . 12.57 -0.90 27.62
O01 OJD K . -7.10 2.75 16.78
C02 OJD K . -6.99 1.53 16.99
C03 OJD K . -7.02 0.46 15.92
C04 OJD K . -7.32 -0.76 16.69
C05 OJD K . -6.61 -1.96 16.04
C06 OJD K . -6.36 -3.08 16.96
C07 OJD K . -5.16 -3.91 16.56
C08 OJD K . -3.91 -3.30 16.53
C09 OJD K . -2.78 -4.02 16.17
C10 OJD K . -2.91 -5.37 15.81
C11 OJD K . -4.22 -5.96 15.86
C12 OJD K . -5.34 -5.29 16.20
C13 OJD K . -6.72 -0.52 18.07
N14 OJD K . -6.81 0.90 18.26
C1 NAG L . 15.03 10.52 31.64
C2 NAG L . 15.03 10.18 33.10
C3 NAG L . 16.44 9.78 33.47
C4 NAG L . 16.98 8.72 32.50
C5 NAG L . 16.62 8.98 31.02
C6 NAG L . 16.89 7.76 30.15
C7 NAG L . 13.83 12.29 33.34
C8 NAG L . 14.47 13.65 33.20
N2 NAG L . 14.57 11.32 33.87
O3 NAG L . 16.48 9.29 34.80
O4 NAG L . 18.38 8.74 32.59
O5 NAG L . 15.26 9.34 30.90
O6 NAG L . 15.97 6.75 30.46
O7 NAG L . 12.66 12.12 32.97
C1 NAG M . 19.21 5.64 32.11
C2 NAG M . 20.37 6.60 31.92
C3 NAG M . 21.50 6.32 32.90
C4 NAG M . 20.94 6.29 34.32
C5 NAG M . 19.73 5.36 34.42
C6 NAG M . 19.12 5.42 35.82
C7 NAG M . 20.98 7.74 29.87
C8 NAG M . 21.12 7.64 28.37
N2 NAG M . 20.82 6.60 30.54
O3 NAG M . 22.49 7.32 32.81
O4 NAG M . 21.95 5.89 35.23
O5 NAG M . 18.75 5.69 33.45
O6 NAG M . 18.94 6.76 36.20
O7 NAG M . 21.01 8.84 30.42
O1 L0B N . 28.74 1.53 0.59
C3 L0B N . 28.54 2.72 0.78
C21 L0B N . 23.98 -4.91 0.73
C10 L0B N . 24.58 -3.94 -0.07
C19 L0B N . 25.49 -3.03 0.47
C17 L0B N . 25.82 -3.11 1.82
C18 L0B N . 25.22 -4.08 2.62
C20 L0B N . 24.31 -4.99 2.08
C14 L0B N . 26.01 -1.10 3.21
C11 L0B N . 26.86 0.05 3.73
C13 L0B N . 26.15 0.66 4.94
C15 L0B N . 27.01 1.77 5.51
C12 L0B N . 27.31 2.79 4.42
C9 L0B N . 27.91 2.16 3.17
N1 L0B N . 27.04 1.07 2.69
C22 L0B N . 25.73 1.62 2.28
C8 L0B N . 28.01 3.25 2.09
C16 L0B N . 26.79 -2.14 2.39
O2 L0B N . 27.49 -1.48 1.34
C4 L0B N . 29.21 3.20 -1.57
C1 L0B N . 28.85 3.69 -0.33
C2 L0B N . 28.75 5.06 -0.10
C5 L0B N . 29.03 5.94 -1.13
C6 L0B N . 29.41 5.46 -2.38
C7 L0B N . 29.50 4.09 -2.60
O01 OJD O . 14.04 3.88 10.33
C02 OJD O . 13.86 2.88 11.05
C03 OJD O . 12.84 1.79 10.78
C04 OJD O . 12.77 1.01 12.01
C05 OJD O . 12.68 -0.51 11.67
C06 OJD O . 13.90 -1.33 11.85
C07 OJD O . 14.35 -2.13 10.63
C08 OJD O . 14.64 -1.48 9.43
C09 OJD O . 15.06 -2.20 8.31
C10 OJD O . 15.18 -3.60 8.40
C11 OJD O . 14.89 -4.25 9.64
C12 OJD O . 14.47 -3.56 10.73
C13 OJD O . 14.05 1.32 12.79
N14 OJD O . 14.56 2.55 12.27
C1 NAG P . 31.68 15.95 -3.73
C2 NAG P . 33.16 15.97 -3.50
C3 NAG P . 33.77 15.57 -4.83
C4 NAG P . 33.30 14.15 -5.14
C5 NAG P . 31.79 13.92 -4.94
C6 NAG P . 31.54 12.43 -4.75
C7 NAG P . 33.06 17.70 -1.85
C8 NAG P . 32.41 19.05 -1.86
N2 NAG P . 33.56 17.27 -3.00
O3 NAG P . 35.18 15.61 -4.77
O4 NAG P . 33.65 13.86 -6.48
O5 NAG P . 31.25 14.61 -3.82
O6 NAG P . 32.34 11.70 -5.66
O7 NAG P . 33.10 17.04 -0.81
C1 NAG Q . 35.76 14.04 -8.85
C2 NAG Q . 35.11 12.74 -9.29
C3 NAG Q . 36.06 11.56 -9.02
C4 NAG Q . 37.15 11.95 -8.02
C5 NAG Q . 36.61 12.87 -6.93
C6 NAG Q . 37.72 13.31 -5.98
C7 NAG Q . 32.70 12.50 -9.25
C8 NAG Q . 32.16 11.15 -9.58
N2 NAG Q . 33.85 12.53 -8.59
O3 NAG Q . 36.65 11.17 -10.24
O4 NAG Q . 37.67 10.76 -7.45
O5 NAG Q . 35.96 14.02 -7.44
O6 NAG Q . 37.81 12.38 -4.92
O7 NAG Q . 32.08 13.53 -9.56
O1 L0B R . 8.97 4.48 -27.37
C3 L0B R . 8.83 5.66 -27.04
C21 L0B R . 8.77 -2.51 -23.32
C10 L0B R . 7.94 -1.43 -23.63
C19 L0B R . 8.47 -0.27 -24.18
C17 L0B R . 9.83 -0.18 -24.45
C18 L0B R . 10.65 -1.25 -24.14
C20 L0B R . 10.13 -2.41 -23.58
C14 L0B R . 10.89 1.96 -23.91
C11 L0B R . 11.37 3.33 -24.40
C13 L0B R . 12.13 4.01 -23.27
C15 L0B R . 12.70 5.33 -23.76
C12 L0B R . 11.56 6.17 -24.35
C9 L0B R . 10.81 5.41 -25.44
N1 L0B R . 10.25 4.16 -24.88
C22 L0B R . 9.30 4.47 -23.80
C8 L0B R . 9.72 6.32 -26.00
C16 L0B R . 10.39 1.07 -25.05
O2 L0B R . 9.38 1.79 -25.75
C4 L0B R . 6.73 5.87 -28.38
C1 L0B R . 7.73 6.48 -27.63
C2 L0B R . 7.69 7.86 -27.39
C5 L0B R . 6.65 8.61 -27.93
C6 L0B R . 5.66 8.00 -28.70
C7 L0B R . 5.69 6.63 -28.93
O01 OJD S . 15.09 6.76 -7.69
C02 OJD S . 15.24 5.63 -8.20
C03 OJD S . 14.78 4.32 -7.58
C04 OJD S . 15.58 3.33 -8.28
C05 OJD S . 14.75 2.03 -8.41
C06 OJD S . 15.22 1.11 -9.46
C07 OJD S . 14.10 0.37 -10.15
C08 OJD S . 12.94 1.06 -10.52
C09 OJD S . 11.89 0.40 -11.15
C10 OJD S . 12.03 -0.98 -11.43
C11 OJD S . 13.22 -1.64 -11.05
C12 OJD S . 14.25 -1.04 -10.43
C13 OJD S . 15.82 3.91 -9.67
N14 OJD S . 15.86 5.32 -9.47
C1 NAG T . 2.76 18.41 -30.42
C2 NAG T . 3.89 18.79 -31.36
C3 NAG T . 3.48 18.31 -32.73
C4 NAG T . 3.17 16.82 -32.67
C5 NAG T . 2.50 16.33 -31.38
C6 NAG T . 2.69 14.83 -31.18
C7 NAG T . 5.43 20.62 -31.05
C8 NAG T . 5.61 22.08 -30.72
N2 NAG T . 4.18 20.21 -31.28
O3 NAG T . 4.50 18.54 -33.67
O4 NAG T . 2.30 16.53 -33.74
O5 NAG T . 2.96 17.03 -30.24
O6 NAG T . 4.08 14.56 -31.18
O7 NAG T . 6.39 19.88 -31.12
C1 NAG U . 0.93 16.79 -36.47
C2 NAG U . 0.20 15.50 -36.07
C3 NAG U . 0.74 14.34 -36.88
C4 NAG U . 2.04 14.71 -37.60
C5 NAG U . 2.97 15.53 -36.69
C6 NAG U . 4.23 15.95 -37.42
C7 NAG U . -0.73 15.23 -33.80
C8 NAG U . -1.09 13.90 -33.20
N2 NAG U . 0.33 15.26 -34.64
O3 NAG U . -0.21 13.94 -37.84
O4 NAG U . 2.69 13.55 -38.07
O5 NAG U . 2.31 16.67 -36.17
O6 NAG U . 5.09 16.63 -36.54
O7 NAG U . -1.37 16.24 -33.50
O1 L0B V . -23.46 1.57 -17.45
C3 L0B V . -23.45 2.79 -17.20
C21 L0B V . -18.42 -4.53 -15.93
C10 L0B V . -19.35 -3.71 -15.29
C19 L0B V . -20.00 -2.70 -16.00
C17 L0B V . -19.73 -2.50 -17.35
C18 L0B V . -18.78 -3.32 -17.97
C20 L0B V . -18.14 -4.33 -17.27
C14 L0B V . -19.46 -0.20 -18.07
C11 L0B V . -20.00 1.03 -18.80
C13 L0B V . -18.83 1.88 -19.27
C15 L0B V . -19.30 3.16 -19.94
C12 L0B V . -20.24 3.90 -19.00
C9 L0B V . -21.41 2.98 -18.64
N1 L0B V . -20.89 1.79 -17.92
C22 L0B V . -20.19 2.21 -16.69
C8 L0B V . -22.40 3.72 -17.77
C16 L0B V . -20.39 -1.41 -18.11
O2 L0B V . -21.61 -1.03 -17.47
C4 L0B V . -25.33 2.54 -15.58
C1 L0B V . -24.49 3.37 -16.32
C2 L0B V . -24.62 4.76 -16.22
C5 L0B V . -25.59 5.32 -15.39
C6 L0B V . -26.42 4.48 -14.64
C7 L0B V . -26.30 3.10 -14.74
C1 GOL W . -16.42 -9.53 -17.60
O1 GOL W . -17.24 -8.49 -18.11
C2 GOL W . -16.29 -9.41 -16.09
O2 GOL W . -15.38 -10.38 -15.61
C3 GOL W . -15.78 -8.04 -15.70
O3 GOL W . -14.81 -8.14 -14.68
O01 OJD X . -6.48 6.45 -15.44
C02 OJD X . -5.73 5.83 -16.22
C03 OJD X . -4.74 4.74 -15.82
C04 OJD X . -3.90 4.52 -17.00
C05 OJD X . -3.72 2.99 -17.19
C06 OJD X . -4.77 2.25 -17.93
C07 OJD X . -5.42 1.08 -17.20
C08 OJD X . -6.34 1.29 -16.18
C09 OJD X . -6.94 0.22 -15.52
C10 OJD X . -6.60 -1.10 -15.90
C11 OJD X . -5.65 -1.31 -16.95
C12 OJD X . -5.07 -0.26 -17.59
C13 OJD X . -4.67 5.10 -18.18
N14 OJD X . -5.64 6.00 -17.65
C1 NAG Y . -30.35 14.16 -12.04
C2 NAG Y . -31.18 14.74 -13.14
C3 NAG Y . -32.59 14.27 -12.83
C4 NAG Y . -32.61 12.76 -12.56
C5 NAG Y . -31.40 12.18 -11.82
C6 NAG Y . -31.27 10.69 -12.03
C7 NAG Y . -30.98 16.90 -14.18
C8 NAG Y . -30.95 18.38 -14.02
N2 NAG Y . -31.03 16.17 -13.06
O3 NAG Y . -33.46 14.60 -13.89
O4 NAG Y . -33.75 12.49 -11.77
O5 NAG Y . -30.20 12.79 -12.28
O6 NAG Y . -30.75 10.49 -13.34
O7 NAG Y . -30.98 16.39 -15.30
C1 NAG Z . -36.29 10.72 -11.42
C2 NAG Z . -35.35 9.64 -10.90
C3 NAG Z . -34.54 9.05 -12.07
C4 NAG Z . -35.19 9.30 -13.43
C5 NAG Z . -35.45 10.79 -13.66
C6 NAG Z . -36.65 11.04 -14.58
C7 NAG Z . -34.52 11.05 -8.98
C8 NAG Z . -34.22 10.70 -7.54
N2 NAG Z . -34.41 10.06 -9.86
O3 NAG Z . -34.39 7.67 -11.88
O4 NAG Z . -34.32 8.82 -14.43
O5 NAG Z . -35.65 11.48 -12.43
O6 NAG Z . -36.71 12.40 -14.92
O7 NAG Z . -34.81 12.21 -9.26
O1 L0B AA . -23.15 -2.52 16.27
C3 L0B AA . -22.97 -1.31 16.23
C21 L0B AA . -19.42 -8.17 11.87
C10 L0B AA . -19.50 -7.53 13.12
C19 L0B AA . -20.60 -6.74 13.45
C17 L0B AA . -21.66 -6.60 12.53
C18 L0B AA . -21.58 -7.22 11.29
C20 L0B AA . -20.46 -8.00 10.96
C14 L0B AA . -22.65 -4.44 12.10
C11 L0B AA . -23.64 -3.36 12.50
C13 L0B AA . -23.94 -2.53 11.26
C15 L0B AA . -24.87 -1.37 11.58
C12 L0B AA . -24.32 -0.55 12.75
C9 L0B AA . -23.94 -1.42 13.94
N1 L0B AA . -23.03 -2.52 13.55
C22 L0B AA . -21.74 -1.97 13.11
C8 L0B AA . -23.20 -0.54 14.95
C16 L0B AA . -22.83 -5.75 12.86
O2 L0B AA . -22.81 -5.37 14.24
C4 L0B AA . -21.89 -1.20 18.51
C1 L0B AA . -22.56 -0.55 17.47
C2 L0B AA . -22.84 0.82 17.55
C5 L0B AA . -22.46 1.53 18.69
C6 L0B AA . -21.80 0.88 19.73
C7 L0B AA . -21.52 -0.48 19.64
C1 GOL BA . -11.75 19.25 -8.18
O1 GOL BA . -12.46 18.07 -7.86
C2 GOL BA . -11.63 20.12 -6.93
O2 GOL BA . -10.27 20.39 -6.69
C3 GOL BA . -12.37 21.44 -7.13
O3 GOL BA . -11.56 22.33 -7.86
C1 GOL CA . -17.33 -13.36 8.40
O1 GOL CA . -17.17 -14.45 9.26
C2 GOL CA . -17.26 -12.10 9.23
O2 GOL CA . -16.49 -11.13 8.54
C3 GOL CA . -18.70 -11.65 9.49
O3 GOL CA . -19.48 -12.79 9.77
C1 GOL DA . -17.06 19.35 -6.87
O1 GOL DA . -16.62 19.00 -8.17
C2 GOL DA . -16.18 18.71 -5.81
O2 GOL DA . -14.91 18.42 -6.37
C3 GOL DA . -16.00 19.67 -4.65
O3 GOL DA . -15.08 19.14 -3.72
O01 OJD EA . -17.85 4.80 -1.55
C02 OJD EA . -18.14 3.60 -1.52
C03 OJD EA . -17.18 2.46 -1.78
C04 OJD EA . -18.06 1.36 -2.14
C05 OJD EA . -17.41 0.04 -1.71
C06 OJD EA . -18.35 -0.97 -1.21
C07 OJD EA . -17.72 -2.04 -0.32
C08 OJD EA . -17.05 -1.65 0.85
C09 OJD EA . -16.47 -2.61 1.67
C10 OJD EA . -16.56 -3.97 1.29
C11 OJD EA . -17.25 -4.32 0.09
C12 OJD EA . -17.83 -3.40 -0.72
C13 OJD EA . -19.33 1.61 -1.34
N14 OJD EA . -19.45 3.03 -1.26
#